data_8P73
#
_entry.id   8P73
#
_cell.length_a   1.00
_cell.length_b   1.00
_cell.length_c   1.00
_cell.angle_alpha   90.00
_cell.angle_beta   90.00
_cell.angle_gamma   90.00
#
_symmetry.space_group_name_H-M   'P 1'
#
loop_
_entity.id
_entity.type
_entity.pdbx_description
1 polymer 'CDK-activating kinase assembly factor MAT1'
2 polymer Cyclin-H
3 polymer 'Cyclin-dependent kinase 7'
4 non-polymer (3R,4R)-4-[[[7-[(phenylmethyl)amino]-3-propan-2-yl-pyrazolo[1,5-a]pyrimidin-5-yl]amino]methyl]piperidine-3,4-diol
5 non-polymer (3S,4S)-4-[[[7-[(phenylmethyl)amino]-3-propan-2-yl-pyrazolo[1,5-a]pyrimidin-5-yl]amino]methyl]piperidine-3,4-diol
6 water water
#
loop_
_entity_poly.entity_id
_entity_poly.type
_entity_poly.pdbx_seq_one_letter_code
_entity_poly.pdbx_strand_id
1 'polypeptide(L)'
;SNAPVTFSTGIKMGQHISLAPIHKLEEALYEYQPLQIETYGPHVPELEMLGRLGYLNHVRAASPQDLAGGYTSSLACHRA
LQDAFSGLFWQPS
;
H
2 'polypeptide(L)'
;(ACE)MYHNSSQKRHWTFSSEEQLARLRADANRKFRCKAVANGKVLPNDPVFLEPHEEMTLCKYYEKRLLEFCSVFKPAM
PRSVVGTACMYFKRFYLNNSVMEYHPRIIMLTCAFLACKVDEFNVSSPQFVGNLRESPLGQEKALEQILEYELLLIQQLN
FHLIVHNPYRPFEGFLIDLKTRYPILENPEILRKTADDFLNRIALTDAYLLYTPSQIALTAILSSASRAGITMESYLSES
LMLKENRTCLSQLLDIMKSMRNLVKKYEPPRSEEVAVLKQKLERCHSAELALNVITKKRKGYEDDDYVSKKSKHEEEEWT
DDDLVESL
;
I
3 'polypeptide(L)'
;SNAMALDVKSRAKRYEKLDFLGEGQFATVYKARDKNTNQIVAIKKIKLGHRSEAKDGINRTALREIKLLQELSHPNIIGL
LDAFGHKSNISLVFDFMETDLEVIIKDNSLVLTPSHIKAYMLMTLQGLEYLHQHWILHRDLKPNNLLLDENGVLKLADFG
LAKSFGSPNRAYTHQVVTRWYRAPELLFGARMYGVGVDMWAVGCILAELLLRVPFLPGDSDLDQLTRIFETLGTPTEEQW
PDMCSLPDYVTFKSFPGIPLHHIFSAAGDDLLDLIQGLFLFNPCARITATQALKMKYFSNRPGPTPGCQLPRPNCPVETL
KEQSNPALAIKRKRTEALEQGGLPKKLIF
;
J
#
loop_
_chem_comp.id
_chem_comp.type
_chem_comp.name
_chem_comp.formula
ACE non-polymer 'ACETYL GROUP' 'C2 H4 O'
X50 non-polymer (3R,4R)-4-[[[7-[(phenylmethyl)amino]-3-propan-2-yl-pyrazolo[1,5-a]pyrimidin-5-yl]amino]methyl]piperidine-3,4-diol 'C22 H30 N6 O2'
X58 non-polymer (3S,4S)-4-[[[7-[(phenylmethyl)amino]-3-propan-2-yl-pyrazolo[1,5-a]pyrimidin-5-yl]amino]methyl]piperidine-3,4-diol 'C22 H30 N6 O2'
#
# COMPACT_ATOMS: atom_id res chain seq x y z
N ALA A 28 16.36 5.10 32.57
CA ALA A 28 16.21 4.62 31.20
C ALA A 28 14.78 4.18 30.91
N LEU A 29 13.82 5.04 31.20
CA LEU A 29 12.41 4.71 31.01
C LEU A 29 12.01 4.96 29.57
N TYR A 30 10.74 4.69 29.28
CA TYR A 30 10.15 4.95 27.98
C TYR A 30 9.04 5.97 28.13
N GLU A 31 8.81 6.74 27.06
CA GLU A 31 7.69 7.66 26.98
C GLU A 31 7.15 7.66 25.57
N TYR A 32 5.83 7.60 25.44
CA TYR A 32 5.23 7.56 24.12
C TYR A 32 5.43 8.89 23.40
N GLN A 33 5.92 8.83 22.17
CA GLN A 33 6.06 9.98 21.30
C GLN A 33 5.11 9.82 20.13
N PRO A 34 4.17 10.75 19.93
CA PRO A 34 3.28 10.63 18.76
C PRO A 34 4.07 10.68 17.46
N LEU A 35 3.53 10.00 16.45
CA LEU A 35 4.23 9.86 15.18
C LEU A 35 4.24 11.19 14.45
N GLN A 36 5.43 11.78 14.31
CA GLN A 36 5.59 13.08 13.65
C GLN A 36 5.90 12.84 12.18
N ILE A 37 4.87 12.93 11.35
CA ILE A 37 5.02 12.84 9.90
C ILE A 37 4.31 14.03 9.27
N GLU A 38 5.07 14.86 8.56
CA GLU A 38 4.47 15.99 7.85
C GLU A 38 3.62 15.48 6.71
N THR A 39 2.38 15.99 6.62
CA THR A 39 1.47 15.61 5.56
C THR A 39 1.30 16.68 4.49
N TYR A 40 1.84 17.88 4.72
CA TYR A 40 1.78 18.98 3.74
C TYR A 40 0.36 19.29 3.30
N GLY A 41 -0.56 19.27 4.27
CA GLY A 41 -1.95 19.55 3.99
C GLY A 41 -2.72 19.92 5.23
N PRO A 42 -4.02 20.16 5.07
CA PRO A 42 -4.85 20.53 6.22
C PRO A 42 -4.88 19.44 7.28
N HIS A 43 -5.06 19.86 8.53
CA HIS A 43 -5.14 18.93 9.64
C HIS A 43 -6.30 17.94 9.45
N VAL A 44 -6.02 16.67 9.66
CA VAL A 44 -7.03 15.63 9.56
C VAL A 44 -7.66 15.41 10.93
N PRO A 45 -8.98 15.48 11.05
CA PRO A 45 -9.62 15.21 12.34
C PRO A 45 -9.34 13.80 12.83
N GLU A 46 -9.20 13.67 14.14
CA GLU A 46 -8.90 12.37 14.73
C GLU A 46 -10.06 11.40 14.51
N LEU A 47 -9.71 10.10 14.48
CA LEU A 47 -10.69 9.08 14.08
C LEU A 47 -11.91 9.09 14.98
N GLU A 48 -11.71 9.05 16.30
CA GLU A 48 -12.82 8.98 17.23
C GLU A 48 -13.71 10.21 17.14
N MET A 49 -13.17 11.34 16.70
CA MET A 49 -13.97 12.56 16.59
C MET A 49 -14.91 12.51 15.38
N LEU A 50 -14.59 11.71 14.37
CA LEU A 50 -15.31 11.79 13.10
C LEU A 50 -16.81 11.68 13.31
N GLY A 51 -17.24 10.68 14.09
CA GLY A 51 -18.67 10.45 14.28
C GLY A 51 -19.39 11.66 14.83
N ARG A 52 -18.77 12.36 15.79
CA ARG A 52 -19.45 13.50 16.36
C ARG A 52 -19.31 14.76 15.53
N LEU A 53 -18.38 14.78 14.58
CA LEU A 53 -18.19 15.97 13.75
C LEU A 53 -19.06 15.96 12.52
N GLY A 54 -19.87 14.92 12.32
CA GLY A 54 -20.75 14.83 11.17
C GLY A 54 -20.16 14.14 9.96
N TYR A 55 -18.88 13.76 10.00
CA TYR A 55 -18.27 13.11 8.85
C TYR A 55 -18.95 11.79 8.52
N LEU A 56 -19.24 10.98 9.54
CA LEU A 56 -19.75 9.63 9.32
C LEU A 56 -21.15 9.63 8.72
N ASN A 57 -21.83 10.77 8.71
CA ASN A 57 -23.11 10.87 8.01
C ASN A 57 -22.96 10.81 6.49
N HIS A 58 -21.74 10.82 5.97
CA HIS A 58 -21.52 10.89 4.53
C HIS A 58 -20.65 9.74 4.01
N VAL A 59 -20.46 8.69 4.82
CA VAL A 59 -19.80 7.48 4.35
C VAL A 59 -20.75 6.31 4.55
N ARG A 60 -20.45 5.21 3.88
CA ARG A 60 -21.28 4.02 3.97
C ARG A 60 -21.13 3.38 5.34
N ALA A 61 -22.26 3.07 5.97
CA ALA A 61 -22.23 2.41 7.27
C ALA A 61 -21.64 1.02 7.15
N ALA A 62 -20.91 0.60 8.19
CA ALA A 62 -20.32 -0.72 8.21
C ALA A 62 -21.37 -1.76 8.60
N SER A 63 -21.49 -2.82 7.81
CA SER A 63 -22.49 -3.85 8.06
C SER A 63 -22.11 -4.65 9.31
N PRO A 64 -23.08 -5.37 9.89
CA PRO A 64 -22.76 -6.15 11.09
C PRO A 64 -21.59 -7.10 10.94
N GLN A 65 -21.43 -7.75 9.78
CA GLN A 65 -20.30 -8.64 9.57
C GLN A 65 -18.98 -7.87 9.60
N ASP A 66 -18.94 -6.71 8.92
CA ASP A 66 -17.74 -5.89 8.94
C ASP A 66 -17.40 -5.42 10.34
N LEU A 67 -18.39 -4.98 11.10
CA LEU A 67 -18.15 -4.55 12.48
C LEU A 67 -17.66 -5.71 13.32
N ALA A 68 -18.22 -6.90 13.11
CA ALA A 68 -17.74 -8.08 13.82
C ALA A 68 -16.28 -8.35 13.52
N GLY A 69 -15.88 -8.21 12.24
CA GLY A 69 -14.50 -8.40 11.88
C GLY A 69 -13.57 -7.28 12.32
N GLY A 70 -14.11 -6.15 12.77
CA GLY A 70 -13.31 -5.02 13.19
C GLY A 70 -13.23 -3.87 12.21
N TYR A 71 -13.99 -3.91 11.12
CA TYR A 71 -14.01 -2.82 10.16
C TYR A 71 -15.16 -1.88 10.48
N THR A 72 -14.85 -0.60 10.64
CA THR A 72 -15.85 0.43 10.86
C THR A 72 -15.77 1.48 9.75
N SER A 73 -16.89 2.18 9.55
CA SER A 73 -16.91 3.27 8.57
C SER A 73 -15.92 4.37 8.91
N SER A 74 -15.53 4.48 10.19
CA SER A 74 -14.56 5.48 10.58
C SER A 74 -13.23 5.26 9.88
N LEU A 75 -12.85 4.00 9.66
CA LEU A 75 -11.59 3.70 8.97
C LEU A 75 -11.61 4.24 7.54
N ALA A 76 -12.67 3.93 6.79
CA ALA A 76 -12.75 4.39 5.41
C ALA A 76 -12.81 5.92 5.35
N CYS A 77 -13.60 6.54 6.23
CA CYS A 77 -13.69 8.00 6.23
C CYS A 77 -12.35 8.64 6.56
N HIS A 78 -11.64 8.10 7.56
CA HIS A 78 -10.34 8.63 7.93
C HIS A 78 -9.34 8.49 6.80
N ARG A 79 -9.34 7.34 6.13
CA ARG A 79 -8.44 7.16 4.99
C ARG A 79 -8.76 8.14 3.88
N ALA A 80 -10.05 8.34 3.59
CA ALA A 80 -10.43 9.27 2.52
C ALA A 80 -9.99 10.69 2.85
N LEU A 81 -10.21 11.13 4.08
CA LEU A 81 -9.80 12.48 4.46
C LEU A 81 -8.28 12.64 4.44
N GLN A 82 -7.56 11.63 4.96
CA GLN A 82 -6.10 11.69 4.92
C GLN A 82 -5.58 11.78 3.50
N ASP A 83 -6.19 11.07 2.56
CA ASP A 83 -5.73 11.14 1.18
C ASP A 83 -6.13 12.45 0.52
N ALA A 84 -7.30 12.98 0.86
CA ALA A 84 -7.71 14.27 0.31
C ALA A 84 -6.82 15.40 0.79
N PHE A 85 -6.25 15.28 1.99
CA PHE A 85 -5.44 16.34 2.54
C PHE A 85 -3.94 16.15 2.32
N SER A 86 -3.51 14.95 1.94
CA SER A 86 -2.08 14.65 1.85
C SER A 86 -1.43 15.49 0.77
N GLY A 87 -0.40 16.23 1.14
CA GLY A 87 0.42 16.98 0.18
C GLY A 87 -0.32 18.03 -0.61
N LEU A 88 -1.47 18.51 -0.13
CA LEU A 88 -2.20 19.53 -0.86
C LEU A 88 -1.42 20.84 -0.95
N PHE A 89 -0.57 21.12 0.03
CA PHE A 89 0.21 22.35 0.06
C PHE A 89 1.64 22.16 -0.43
N TRP A 90 2.04 20.94 -0.79
CA TRP A 90 3.41 20.65 -1.15
C TRP A 90 3.69 20.97 -2.62
N GLN A 91 4.92 21.36 -2.90
CA GLN A 91 5.36 21.70 -4.25
C GLN A 91 6.73 21.07 -4.51
N PRO A 92 6.97 20.59 -5.73
CA PRO A 92 8.25 19.97 -6.09
C PRO A 92 9.41 20.97 -6.10
C ACE B 1 0.41 5.29 1.70
O ACE B 1 -0.77 5.42 1.34
CH3 ACE B 1 1.06 3.95 1.78
N MET B 2 1.17 6.32 2.04
CA MET B 2 0.69 7.70 2.02
C MET B 2 1.50 8.54 1.03
N TYR B 3 0.80 9.44 0.32
CA TYR B 3 1.45 10.23 -0.72
C TYR B 3 2.58 11.08 -0.15
N HIS B 4 2.37 11.68 1.02
CA HIS B 4 3.31 12.66 1.54
C HIS B 4 4.68 12.08 1.87
N ASN B 5 4.82 10.75 1.93
CA ASN B 5 6.14 10.13 2.00
C ASN B 5 6.31 9.07 0.91
N SER B 6 5.56 9.19 -0.18
CA SER B 6 5.53 8.17 -1.21
C SER B 6 6.71 8.29 -2.16
N SER B 7 6.90 7.25 -2.96
CA SER B 7 7.85 7.33 -4.07
C SER B 7 7.31 8.21 -5.18
N GLN B 8 5.98 8.26 -5.36
CA GLN B 8 5.41 9.12 -6.40
C GLN B 8 5.75 10.57 -6.15
N LYS B 9 5.62 11.02 -4.90
CA LYS B 9 5.93 12.40 -4.55
C LYS B 9 7.42 12.67 -4.67
N ARG B 10 8.25 11.75 -4.17
CA ARG B 10 9.68 12.00 -4.07
C ARG B 10 10.38 11.92 -5.42
N HIS B 11 10.02 10.95 -6.26
CA HIS B 11 10.80 10.62 -7.44
C HIS B 11 10.09 10.86 -8.76
N TRP B 12 8.76 10.98 -8.76
CA TRP B 12 8.00 11.02 -10.01
C TRP B 12 7.02 12.18 -10.06
N THR B 13 7.22 13.21 -9.26
CA THR B 13 6.54 14.50 -9.41
C THR B 13 7.60 15.52 -9.77
N PHE B 14 7.42 16.20 -10.89
CA PHE B 14 8.48 17.00 -11.50
C PHE B 14 8.12 18.48 -11.46
N SER B 15 9.15 19.31 -11.62
CA SER B 15 9.03 20.74 -11.36
C SER B 15 8.25 21.47 -12.45
N SER B 16 8.39 21.06 -13.70
CA SER B 16 7.77 21.82 -14.79
C SER B 16 7.64 20.96 -16.04
N GLU B 17 6.83 21.45 -16.97
CA GLU B 17 6.71 20.83 -18.28
C GLU B 17 8.04 20.79 -19.01
N GLU B 18 8.90 21.79 -18.76
CA GLU B 18 10.22 21.82 -19.38
C GLU B 18 11.07 20.64 -18.94
N GLN B 19 11.00 20.25 -17.67
CA GLN B 19 11.76 19.11 -17.20
C GLN B 19 11.30 17.82 -17.88
N LEU B 20 9.99 17.65 -18.04
CA LEU B 20 9.47 16.48 -18.75
C LEU B 20 9.93 16.47 -20.20
N ALA B 21 9.87 17.63 -20.86
CA ALA B 21 10.35 17.70 -22.23
C ALA B 21 11.85 17.36 -22.30
N ARG B 22 12.61 17.78 -21.30
CA ARG B 22 14.04 17.47 -21.27
C ARG B 22 14.26 15.96 -21.16
N LEU B 23 13.52 15.30 -20.29
CA LEU B 23 13.68 13.86 -20.14
C LEU B 23 13.30 13.12 -21.42
N ARG B 24 12.20 13.52 -22.04
CA ARG B 24 11.77 12.86 -23.27
C ARG B 24 12.74 13.11 -24.42
N ALA B 25 13.27 14.34 -24.53
CA ALA B 25 14.26 14.64 -25.56
C ALA B 25 15.54 13.85 -25.33
N ASP B 26 15.93 13.69 -24.06
CA ASP B 26 17.08 12.85 -23.73
C ASP B 26 16.84 11.41 -24.18
N ALA B 27 15.62 10.90 -23.97
CA ALA B 27 15.31 9.55 -24.43
C ALA B 27 15.44 9.43 -25.94
N ASN B 28 14.83 10.39 -26.67
CA ASN B 28 14.87 10.34 -28.13
C ASN B 28 16.31 10.42 -28.64
N ARG B 29 17.12 11.29 -28.05
CA ARG B 29 18.51 11.41 -28.48
C ARG B 29 19.35 10.20 -28.10
N LYS B 30 19.07 9.56 -26.96
CA LYS B 30 19.89 8.40 -26.61
C LYS B 30 19.56 7.21 -27.50
N PHE B 31 18.29 7.07 -27.90
CA PHE B 31 17.98 6.03 -28.87
C PHE B 31 18.66 6.33 -30.21
N ARG B 32 18.65 7.59 -30.64
CA ARG B 32 19.31 7.94 -31.88
C ARG B 32 20.80 7.62 -31.83
N CYS B 33 21.45 7.95 -30.72
CA CYS B 33 22.87 7.67 -30.58
C CYS B 33 23.13 6.16 -30.59
N LYS B 34 22.26 5.39 -29.91
CA LYS B 34 22.41 3.94 -29.90
C LYS B 34 22.29 3.36 -31.31
N ALA B 35 21.27 3.81 -32.06
CA ALA B 35 21.06 3.28 -33.40
C ALA B 35 22.22 3.65 -34.33
N VAL B 36 22.69 4.90 -34.26
CA VAL B 36 23.79 5.33 -35.10
C VAL B 36 25.06 4.55 -34.76
N ALA B 37 25.34 4.37 -33.47
CA ALA B 37 26.47 3.54 -33.06
C ALA B 37 26.29 2.10 -33.48
N ASN B 38 25.05 1.67 -33.72
CA ASN B 38 24.76 0.34 -34.25
C ASN B 38 24.66 0.32 -35.77
N GLY B 39 25.33 1.26 -36.45
CA GLY B 39 25.28 1.34 -37.89
C GLY B 39 26.03 2.54 -38.43
N ASP B 45 19.09 9.30 -40.40
CA ASP B 45 18.09 8.86 -41.36
C ASP B 45 16.71 9.41 -40.99
N PRO B 46 15.89 9.69 -42.01
CA PRO B 46 14.53 10.20 -41.76
C PRO B 46 13.60 9.20 -41.11
N VAL B 47 14.06 7.98 -40.81
CA VAL B 47 13.19 7.01 -40.16
C VAL B 47 12.95 7.39 -38.70
N PHE B 48 13.87 8.12 -38.09
CA PHE B 48 13.76 8.47 -36.68
C PHE B 48 12.53 9.35 -36.44
N LEU B 49 11.90 9.16 -35.28
CA LEU B 49 10.80 10.01 -34.86
C LEU B 49 11.32 11.14 -34.00
N GLU B 50 10.70 12.31 -34.15
CA GLU B 50 11.04 13.48 -33.34
C GLU B 50 10.34 13.39 -31.99
N PRO B 51 10.83 14.13 -30.98
CA PRO B 51 10.19 14.06 -29.66
C PRO B 51 8.71 14.41 -29.68
N HIS B 52 8.30 15.38 -30.49
CA HIS B 52 6.88 15.70 -30.58
C HIS B 52 6.09 14.57 -31.23
N GLU B 53 6.70 13.90 -32.21
CA GLU B 53 6.06 12.74 -32.81
C GLU B 53 5.93 11.60 -31.80
N GLU B 54 6.99 11.39 -31.01
CA GLU B 54 6.91 10.42 -29.92
C GLU B 54 5.78 10.77 -28.95
N MET B 55 5.63 12.06 -28.65
CA MET B 55 4.56 12.50 -27.76
C MET B 55 3.18 12.24 -28.35
N THR B 56 3.02 12.49 -29.65
CA THR B 56 1.74 12.20 -30.29
C THR B 56 1.42 10.71 -30.21
N LEU B 57 2.43 9.87 -30.46
CA LEU B 57 2.24 8.42 -30.39
C LEU B 57 1.91 7.99 -28.96
N CYS B 58 2.59 8.57 -27.97
CA CYS B 58 2.34 8.21 -26.58
C CYS B 58 0.95 8.63 -26.15
N LYS B 59 0.46 9.78 -26.61
CA LYS B 59 -0.92 10.17 -26.31
C LYS B 59 -1.91 9.21 -26.96
N TYR B 60 -1.68 8.84 -28.21
CA TYR B 60 -2.56 7.89 -28.88
C TYR B 60 -2.58 6.56 -28.14
N TYR B 61 -1.42 6.09 -27.69
CA TYR B 61 -1.37 4.79 -27.06
C TYR B 61 -1.81 4.81 -25.60
N GLU B 62 -1.71 5.95 -24.91
CA GLU B 62 -2.37 6.08 -23.63
C GLU B 62 -3.88 6.00 -23.80
N LYS B 63 -4.40 6.60 -24.88
CA LYS B 63 -5.82 6.44 -25.18
C LYS B 63 -6.16 4.99 -25.47
N ARG B 64 -5.29 4.29 -26.20
CA ARG B 64 -5.51 2.86 -26.46
C ARG B 64 -5.50 2.06 -25.17
N LEU B 65 -4.57 2.36 -24.27
CA LEU B 65 -4.51 1.68 -22.98
C LEU B 65 -5.77 1.93 -22.17
N LEU B 66 -6.28 3.16 -22.20
CA LEU B 66 -7.53 3.46 -21.51
C LEU B 66 -8.69 2.68 -22.09
N GLU B 67 -8.74 2.55 -23.42
CA GLU B 67 -9.80 1.76 -24.05
C GLU B 67 -9.73 0.30 -23.63
N PHE B 68 -8.51 -0.27 -23.66
CA PHE B 68 -8.32 -1.66 -23.25
C PHE B 68 -8.73 -1.87 -21.80
N CYS B 69 -8.27 -0.98 -20.91
CA CYS B 69 -8.64 -1.09 -19.51
C CYS B 69 -10.13 -0.90 -19.30
N SER B 70 -10.78 -0.14 -20.18
CA SER B 70 -12.22 0.09 -20.05
C SER B 70 -13.01 -1.15 -20.40
N VAL B 71 -12.68 -1.81 -21.52
CA VAL B 71 -13.44 -2.99 -21.91
C VAL B 71 -12.99 -4.26 -21.21
N PHE B 72 -12.02 -4.16 -20.31
CA PHE B 72 -11.45 -5.32 -19.64
C PHE B 72 -12.49 -6.03 -18.78
N LYS B 73 -12.46 -7.37 -18.79
CA LYS B 73 -13.28 -8.17 -17.89
C LYS B 73 -12.40 -9.27 -17.30
N PRO B 74 -12.46 -9.52 -15.98
CA PRO B 74 -13.35 -8.93 -14.96
C PRO B 74 -13.15 -7.44 -14.80
N ALA B 75 -14.18 -6.73 -14.35
CA ALA B 75 -14.18 -5.26 -14.32
C ALA B 75 -12.93 -4.72 -13.67
N MET B 76 -12.17 -3.94 -14.41
CA MET B 76 -10.95 -3.37 -13.88
C MET B 76 -11.29 -2.21 -12.94
N PRO B 77 -10.81 -2.24 -11.70
CA PRO B 77 -11.01 -1.09 -10.82
C PRO B 77 -10.33 0.14 -11.38
N ARG B 78 -10.91 1.31 -11.06
CA ARG B 78 -10.35 2.57 -11.54
C ARG B 78 -8.93 2.79 -11.05
N SER B 79 -8.61 2.27 -9.86
CA SER B 79 -7.25 2.38 -9.35
C SER B 79 -6.26 1.65 -10.24
N VAL B 80 -6.65 0.47 -10.75
CA VAL B 80 -5.77 -0.27 -11.66
C VAL B 80 -5.53 0.52 -12.93
N VAL B 81 -6.59 1.10 -13.50
CA VAL B 81 -6.46 1.86 -14.73
C VAL B 81 -5.55 3.06 -14.53
N GLY B 82 -5.75 3.78 -13.41
CA GLY B 82 -4.88 4.91 -13.12
C GLY B 82 -3.44 4.51 -12.92
N THR B 83 -3.22 3.40 -12.21
CA THR B 83 -1.86 2.89 -12.02
C THR B 83 -1.22 2.54 -13.35
N ALA B 84 -1.96 1.88 -14.24
CA ALA B 84 -1.40 1.49 -15.53
C ALA B 84 -1.07 2.71 -16.38
N CYS B 85 -1.97 3.69 -16.42
CA CYS B 85 -1.69 4.90 -17.20
C CYS B 85 -0.50 5.66 -16.64
N MET B 86 -0.37 5.71 -15.32
CA MET B 86 0.80 6.35 -14.73
C MET B 86 2.07 5.58 -15.05
N TYR B 87 2.00 4.25 -15.04
CA TYR B 87 3.12 3.43 -15.47
C TYR B 87 3.54 3.77 -16.89
N PHE B 88 2.56 3.92 -17.78
CA PHE B 88 2.85 4.23 -19.18
C PHE B 88 3.54 5.58 -19.33
N LYS B 89 3.01 6.59 -18.64
CA LYS B 89 3.63 7.92 -18.67
C LYS B 89 5.06 7.86 -18.17
N ARG B 90 5.26 7.22 -17.01
CA ARG B 90 6.60 7.15 -16.43
C ARG B 90 7.55 6.39 -17.34
N PHE B 91 7.09 5.30 -17.96
CA PHE B 91 7.96 4.53 -18.84
C PHE B 91 8.44 5.39 -20.00
N TYR B 92 7.52 6.11 -20.63
CA TYR B 92 7.91 6.89 -21.79
C TYR B 92 8.47 8.26 -21.45
N LEU B 93 8.60 8.58 -20.17
CA LEU B 93 9.47 9.69 -19.78
C LEU B 93 10.92 9.42 -20.17
N ASN B 94 11.40 8.20 -19.93
CA ASN B 94 12.81 7.86 -20.13
C ASN B 94 13.02 6.77 -21.18
N ASN B 95 12.03 6.49 -22.02
CA ASN B 95 12.18 5.48 -23.04
C ASN B 95 11.53 5.94 -24.33
N SER B 96 12.17 5.63 -25.46
CA SER B 96 11.63 5.96 -26.76
C SER B 96 10.66 4.88 -27.22
N VAL B 97 9.55 5.30 -27.84
CA VAL B 97 8.67 4.35 -28.49
C VAL B 97 9.37 3.66 -29.65
N MET B 98 10.48 4.23 -30.13
CA MET B 98 11.26 3.64 -31.20
C MET B 98 12.08 2.44 -30.73
N GLU B 99 12.34 2.32 -29.43
CA GLU B 99 12.97 1.12 -28.88
C GLU B 99 11.93 0.09 -28.46
N TYR B 100 11.06 0.45 -27.52
CA TYR B 100 10.04 -0.45 -27.01
C TYR B 100 8.69 -0.01 -27.55
N HIS B 101 8.00 -0.92 -28.22
CA HIS B 101 6.76 -0.56 -28.91
C HIS B 101 5.66 -0.25 -27.90
N PRO B 102 4.98 0.89 -28.02
CA PRO B 102 3.99 1.28 -27.01
C PRO B 102 2.80 0.34 -26.88
N ARG B 103 2.45 -0.43 -27.91
CA ARG B 103 1.36 -1.39 -27.76
C ARG B 103 1.70 -2.43 -26.69
N ILE B 104 2.88 -3.05 -26.82
CA ILE B 104 3.27 -4.08 -25.85
C ILE B 104 3.54 -3.46 -24.49
N ILE B 105 4.11 -2.26 -24.47
CA ILE B 105 4.38 -1.60 -23.20
C ILE B 105 3.09 -1.27 -22.48
N MET B 106 2.08 -0.79 -23.20
CA MET B 106 0.80 -0.49 -22.55
C MET B 106 0.15 -1.76 -22.01
N LEU B 107 0.22 -2.86 -22.77
CA LEU B 107 -0.30 -4.12 -22.26
C LEU B 107 0.45 -4.57 -21.01
N THR B 108 1.78 -4.42 -21.02
CA THR B 108 2.57 -4.77 -19.84
C THR B 108 2.25 -3.85 -18.66
N CYS B 109 1.91 -2.59 -18.94
CA CYS B 109 1.51 -1.67 -17.89
C CYS B 109 0.23 -2.16 -17.22
N ALA B 110 -0.78 -2.52 -18.02
CA ALA B 110 -2.00 -3.08 -17.45
C ALA B 110 -1.71 -4.37 -16.68
N PHE B 111 -0.87 -5.24 -17.25
CA PHE B 111 -0.54 -6.51 -16.62
C PHE B 111 0.12 -6.30 -15.25
N LEU B 112 1.07 -5.38 -15.17
CA LEU B 112 1.75 -5.13 -13.90
C LEU B 112 0.85 -4.42 -12.91
N ALA B 113 0.02 -3.49 -13.39
CA ALA B 113 -0.87 -2.76 -12.50
C ALA B 113 -1.88 -3.69 -11.85
N CYS B 114 -2.39 -4.66 -12.61
CA CYS B 114 -3.32 -5.63 -12.03
C CYS B 114 -2.68 -6.35 -10.85
N LYS B 115 -1.41 -6.77 -10.99
CA LYS B 115 -0.72 -7.43 -9.89
C LYS B 115 -0.51 -6.49 -8.71
N VAL B 116 -0.03 -5.27 -9.00
CA VAL B 116 0.34 -4.34 -7.93
C VAL B 116 -0.89 -3.94 -7.13
N ASP B 117 -1.99 -3.62 -7.81
CA ASP B 117 -3.21 -3.21 -7.14
C ASP B 117 -3.84 -4.35 -6.34
N GLU B 118 -3.35 -5.58 -6.53
CA GLU B 118 -3.96 -6.80 -5.97
C GLU B 118 -5.26 -7.15 -6.69
N PHE B 119 -5.35 -6.80 -7.97
CA PHE B 119 -6.47 -7.19 -8.80
C PHE B 119 -6.17 -8.58 -9.36
N ASN B 120 -6.96 -9.57 -8.95
CA ASN B 120 -6.63 -10.97 -9.22
C ASN B 120 -7.09 -11.35 -10.62
N VAL B 121 -6.15 -11.55 -11.52
CA VAL B 121 -6.40 -12.12 -12.84
C VAL B 121 -5.24 -13.02 -13.21
N SER B 122 -5.54 -14.14 -13.85
CA SER B 122 -4.52 -15.02 -14.39
C SER B 122 -4.15 -14.60 -15.81
N SER B 123 -2.96 -15.02 -16.24
CA SER B 123 -2.49 -14.67 -17.58
C SER B 123 -3.46 -15.05 -18.69
N PRO B 124 -4.02 -16.26 -18.73
CA PRO B 124 -5.01 -16.54 -19.80
C PRO B 124 -6.20 -15.60 -19.78
N GLN B 125 -6.74 -15.28 -18.60
CA GLN B 125 -7.90 -14.39 -18.57
C GLN B 125 -7.49 -12.94 -18.83
N PHE B 126 -6.25 -12.57 -18.52
CA PHE B 126 -5.78 -11.24 -18.90
C PHE B 126 -5.71 -11.10 -20.42
N VAL B 127 -5.04 -12.05 -21.09
CA VAL B 127 -4.87 -11.92 -22.53
C VAL B 127 -6.10 -12.32 -23.32
N GLY B 128 -7.09 -12.95 -22.70
CA GLY B 128 -8.32 -13.22 -23.42
C GLY B 128 -9.16 -11.99 -23.71
N ASN B 129 -8.76 -10.83 -23.20
CA ASN B 129 -9.47 -9.57 -23.43
C ASN B 129 -9.11 -8.92 -24.75
N LEU B 130 -8.17 -9.46 -25.51
CA LEU B 130 -7.70 -8.85 -26.74
C LEU B 130 -8.49 -9.36 -27.94
N ARG B 131 -8.88 -8.42 -28.81
CA ARG B 131 -9.57 -8.76 -30.06
C ARG B 131 -8.54 -9.23 -31.08
N GLU B 132 -8.13 -10.49 -30.94
CA GLU B 132 -7.08 -11.08 -31.78
C GLU B 132 -7.41 -12.55 -31.96
N SER B 133 -6.40 -13.33 -32.38
CA SER B 133 -6.34 -14.77 -32.54
C SER B 133 -5.70 -15.41 -31.31
N PRO B 134 -6.08 -16.66 -31.00
CA PRO B 134 -5.45 -17.33 -29.85
C PRO B 134 -3.95 -17.45 -29.96
N LEU B 135 -3.43 -17.70 -31.17
CA LEU B 135 -1.98 -17.66 -31.36
C LEU B 135 -1.45 -16.25 -31.18
N GLY B 136 -2.17 -15.25 -31.69
CA GLY B 136 -1.80 -13.87 -31.41
C GLY B 136 -1.85 -13.55 -29.94
N GLN B 137 -2.85 -14.07 -29.23
CA GLN B 137 -2.91 -13.87 -27.79
C GLN B 137 -1.73 -14.52 -27.08
N GLU B 138 -1.34 -15.72 -27.51
CA GLU B 138 -0.18 -16.37 -26.91
C GLU B 138 1.10 -15.58 -27.16
N LYS B 139 1.27 -15.07 -28.38
CA LYS B 139 2.44 -14.26 -28.67
C LYS B 139 2.43 -12.97 -27.85
N ALA B 140 1.26 -12.35 -27.69
CA ALA B 140 1.15 -11.15 -26.87
C ALA B 140 1.49 -11.43 -25.42
N LEU B 141 1.01 -12.56 -24.88
CA LEU B 141 1.36 -12.93 -23.51
C LEU B 141 2.85 -13.17 -23.38
N GLU B 142 3.46 -13.83 -24.36
CA GLU B 142 4.91 -14.04 -24.32
C GLU B 142 5.65 -12.72 -24.31
N GLN B 143 5.21 -11.76 -25.13
CA GLN B 143 5.87 -10.45 -25.15
C GLN B 143 5.66 -9.70 -23.83
N ILE B 144 4.45 -9.76 -23.27
CA ILE B 144 4.17 -9.10 -22.00
C ILE B 144 5.04 -9.68 -20.91
N LEU B 145 5.17 -11.01 -20.87
CA LEU B 145 6.02 -11.64 -19.87
C LEU B 145 7.48 -11.26 -20.08
N GLU B 146 7.91 -11.13 -21.34
CA GLU B 146 9.28 -10.70 -21.60
C GLU B 146 9.53 -9.27 -21.17
N TYR B 147 8.52 -8.40 -21.26
CA TYR B 147 8.68 -6.98 -20.94
C TYR B 147 8.29 -6.62 -19.51
N GLU B 148 7.74 -7.56 -18.73
CA GLU B 148 7.33 -7.23 -17.37
C GLU B 148 8.51 -6.72 -16.54
N LEU B 149 9.62 -7.45 -16.54
CA LEU B 149 10.77 -7.03 -15.74
C LEU B 149 11.35 -5.73 -16.27
N LEU B 150 11.34 -5.54 -17.59
CA LEU B 150 11.82 -4.29 -18.16
C LEU B 150 11.00 -3.11 -17.65
N LEU B 151 9.68 -3.25 -17.66
CA LEU B 151 8.82 -2.19 -17.15
C LEU B 151 9.10 -1.93 -15.67
N ILE B 152 9.27 -2.99 -14.88
CA ILE B 152 9.53 -2.80 -13.45
C ILE B 152 10.84 -2.03 -13.27
N GLN B 153 11.87 -2.40 -14.04
CA GLN B 153 13.16 -1.73 -13.92
C GLN B 153 13.06 -0.27 -14.33
N GLN B 154 12.31 0.02 -15.39
CA GLN B 154 12.16 1.39 -15.87
C GLN B 154 11.36 2.26 -14.93
N LEU B 155 10.52 1.66 -14.08
CA LEU B 155 9.86 2.39 -13.01
C LEU B 155 10.71 2.53 -11.77
N ASN B 156 11.94 2.01 -11.80
CA ASN B 156 12.85 2.04 -10.65
C ASN B 156 12.25 1.33 -9.44
N PHE B 157 11.39 0.35 -9.69
CA PHE B 157 10.75 -0.48 -8.66
C PHE B 157 9.82 0.33 -7.76
N HIS B 158 9.30 1.46 -8.26
CA HIS B 158 8.28 2.24 -7.57
C HIS B 158 6.94 1.86 -8.19
N LEU B 159 6.21 0.96 -7.53
CA LEU B 159 4.99 0.41 -8.09
C LEU B 159 3.73 1.02 -7.53
N ILE B 160 3.76 1.56 -6.32
CA ILE B 160 2.57 2.14 -5.72
C ILE B 160 2.31 3.49 -6.36
N VAL B 161 1.11 3.66 -6.91
CA VAL B 161 0.71 4.91 -7.57
C VAL B 161 -0.47 5.49 -6.81
N HIS B 162 -0.31 6.73 -6.35
CA HIS B 162 -1.38 7.45 -5.67
C HIS B 162 -2.20 8.20 -6.70
N ASN B 163 -3.44 7.85 -6.81
CA ASN B 163 -4.38 8.38 -7.78
C ASN B 163 -5.26 9.45 -7.14
N PRO B 164 -5.90 10.31 -7.94
CA PRO B 164 -6.73 11.37 -7.37
C PRO B 164 -8.12 10.91 -6.91
N TYR B 165 -8.51 9.66 -7.14
CA TYR B 165 -9.89 9.26 -6.87
C TYR B 165 -10.21 9.23 -5.38
N ARG B 166 -9.32 8.68 -4.56
CA ARG B 166 -9.61 8.67 -3.13
C ARG B 166 -9.50 10.07 -2.52
N PRO B 167 -8.53 10.90 -2.93
CA PRO B 167 -8.60 12.31 -2.51
C PRO B 167 -9.90 12.99 -2.95
N PHE B 168 -10.40 12.65 -4.12
CA PHE B 168 -11.68 13.19 -4.57
C PHE B 168 -12.79 12.81 -3.62
N GLU B 169 -12.83 11.54 -3.20
CA GLU B 169 -13.86 11.09 -2.27
C GLU B 169 -13.71 11.76 -0.91
N GLY B 170 -12.47 11.89 -0.43
CA GLY B 170 -12.24 12.56 0.84
C GLY B 170 -12.67 14.02 0.81
N PHE B 171 -12.42 14.70 -0.30
CA PHE B 171 -12.86 16.08 -0.46
C PHE B 171 -14.38 16.16 -0.52
N LEU B 172 -15.02 15.21 -1.19
CA LEU B 172 -16.49 15.20 -1.21
C LEU B 172 -17.04 15.05 0.20
N ILE B 173 -16.44 14.15 0.99
CA ILE B 173 -16.87 13.98 2.38
C ILE B 173 -16.67 15.27 3.17
N ASP B 174 -15.50 15.90 3.01
CA ASP B 174 -15.20 17.11 3.77
C ASP B 174 -16.15 18.24 3.40
N LEU B 175 -16.45 18.38 2.11
CA LEU B 175 -17.41 19.39 1.68
C LEU B 175 -18.79 19.11 2.25
N LYS B 176 -19.26 17.87 2.14
CA LYS B 176 -20.57 17.52 2.65
C LYS B 176 -20.67 17.74 4.15
N THR B 177 -19.55 17.66 4.86
CA THR B 177 -19.58 17.83 6.30
C THR B 177 -19.44 19.28 6.74
N ARG B 178 -18.49 20.01 6.17
CA ARG B 178 -18.04 21.28 6.75
C ARG B 178 -18.33 22.51 5.89
N TYR B 179 -18.89 22.35 4.70
CA TYR B 179 -19.14 23.48 3.81
C TYR B 179 -20.62 23.50 3.47
N PRO B 180 -21.46 23.96 4.41
CA PRO B 180 -22.91 24.01 4.15
C PRO B 180 -23.30 24.98 3.05
N ILE B 181 -22.45 25.96 2.71
CA ILE B 181 -22.79 26.89 1.65
C ILE B 181 -23.08 26.13 0.36
N LEU B 182 -22.23 25.16 0.04
CA LEU B 182 -22.52 24.19 -1.01
C LEU B 182 -23.57 23.23 -0.51
N GLU B 183 -24.79 23.32 -1.04
CA GLU B 183 -25.92 22.58 -0.48
C GLU B 183 -25.74 21.07 -0.67
N ASN B 184 -25.42 20.64 -1.87
CA ASN B 184 -25.17 19.23 -2.17
C ASN B 184 -23.89 19.10 -2.99
N PRO B 185 -22.76 18.77 -2.36
CA PRO B 185 -21.51 18.63 -3.12
C PRO B 185 -21.54 17.51 -4.16
N GLU B 186 -22.46 16.55 -4.03
CA GLU B 186 -22.45 15.41 -4.94
C GLU B 186 -22.74 15.82 -6.39
N ILE B 187 -23.56 16.85 -6.59
CA ILE B 187 -23.81 17.32 -7.95
C ILE B 187 -22.55 17.86 -8.61
N LEU B 188 -21.48 18.08 -7.84
CA LEU B 188 -20.21 18.50 -8.42
C LEU B 188 -19.41 17.33 -8.97
N ARG B 189 -19.75 16.09 -8.60
CA ARG B 189 -18.88 14.95 -8.89
C ARG B 189 -18.76 14.72 -10.39
N LYS B 190 -19.89 14.59 -11.08
CA LYS B 190 -19.90 14.19 -12.49
C LYS B 190 -18.97 15.08 -13.32
N THR B 191 -19.27 16.37 -13.37
CA THR B 191 -18.42 17.29 -14.13
C THR B 191 -16.99 17.24 -13.61
N ALA B 192 -16.80 17.22 -12.29
CA ALA B 192 -15.45 17.13 -11.76
C ALA B 192 -14.78 15.87 -12.24
N ASP B 193 -15.51 14.75 -12.24
CA ASP B 193 -14.96 13.51 -12.79
C ASP B 193 -14.53 13.71 -14.23
N ASP B 194 -15.40 14.33 -15.04
CA ASP B 194 -15.03 14.63 -16.41
C ASP B 194 -13.72 15.40 -16.44
N PHE B 195 -13.63 16.46 -15.63
CA PHE B 195 -12.41 17.24 -15.62
C PHE B 195 -11.23 16.39 -15.18
N LEU B 196 -11.44 15.53 -14.18
CA LEU B 196 -10.37 14.62 -13.78
C LEU B 196 -9.82 13.88 -14.98
N ASN B 197 -10.71 13.30 -15.79
CA ASN B 197 -10.27 12.56 -16.97
C ASN B 197 -9.42 13.45 -17.86
N ARG B 198 -9.88 14.68 -18.12
CA ARG B 198 -9.11 15.60 -18.96
C ARG B 198 -7.75 15.87 -18.36
N ILE B 199 -7.70 16.09 -17.04
CA ILE B 199 -6.42 16.32 -16.39
C ILE B 199 -5.51 15.12 -16.59
N ALA B 200 -6.08 13.91 -16.57
CA ALA B 200 -5.27 12.71 -16.73
C ALA B 200 -4.65 12.65 -18.12
N LEU B 201 -5.28 13.30 -19.12
CA LEU B 201 -4.71 13.28 -20.46
C LEU B 201 -3.41 14.06 -20.54
N THR B 202 -3.27 15.12 -19.75
CA THR B 202 -2.09 15.96 -19.77
C THR B 202 -0.98 15.34 -18.94
N ASP B 203 0.08 16.09 -18.72
CA ASP B 203 1.20 15.66 -17.91
C ASP B 203 1.02 16.02 -16.44
N ALA B 204 -0.18 16.43 -16.04
CA ALA B 204 -0.40 16.92 -14.69
C ALA B 204 -0.06 15.87 -13.64
N TYR B 205 -0.27 14.59 -13.96
CA TYR B 205 -0.01 13.52 -12.99
C TYR B 205 1.47 13.42 -12.64
N LEU B 206 2.35 13.96 -13.49
CA LEU B 206 3.77 14.01 -13.20
C LEU B 206 4.22 15.32 -12.58
N LEU B 207 3.31 16.26 -12.38
CA LEU B 207 3.66 17.61 -11.96
C LEU B 207 2.96 18.10 -10.70
N TYR B 208 1.82 17.50 -10.33
CA TYR B 208 1.07 17.94 -9.16
C TYR B 208 0.64 16.74 -8.33
N THR B 209 0.32 17.00 -7.06
CA THR B 209 -0.11 15.95 -6.15
C THR B 209 -1.53 15.49 -6.49
N PRO B 210 -1.88 14.26 -6.14
CA PRO B 210 -3.26 13.79 -6.37
C PRO B 210 -4.30 14.62 -5.64
N SER B 211 -3.99 15.11 -4.45
CA SER B 211 -4.92 15.99 -3.75
C SER B 211 -5.12 17.29 -4.51
N GLN B 212 -4.03 17.87 -5.01
CA GLN B 212 -4.14 19.09 -5.81
C GLN B 212 -4.97 18.84 -7.06
N ILE B 213 -4.76 17.71 -7.73
CA ILE B 213 -5.52 17.39 -8.94
C ILE B 213 -7.00 17.24 -8.60
N ALA B 214 -7.30 16.51 -7.53
CA ALA B 214 -8.69 16.31 -7.14
C ALA B 214 -9.38 17.62 -6.77
N LEU B 215 -8.70 18.46 -5.99
CA LEU B 215 -9.28 19.74 -5.60
C LEU B 215 -9.46 20.65 -6.80
N THR B 216 -8.50 20.65 -7.73
CA THR B 216 -8.64 21.43 -8.95
C THR B 216 -9.86 20.99 -9.73
N ALA B 217 -10.08 19.68 -9.85
CA ALA B 217 -11.26 19.20 -10.57
C ALA B 217 -12.54 19.64 -9.88
N ILE B 218 -12.59 19.52 -8.55
CA ILE B 218 -13.78 19.92 -7.82
C ILE B 218 -14.04 21.42 -7.98
N LEU B 219 -12.99 22.24 -7.86
CA LEU B 219 -13.13 23.69 -7.98
C LEU B 219 -13.56 24.09 -9.39
N SER B 220 -13.00 23.42 -10.41
CA SER B 220 -13.40 23.71 -11.78
C SER B 220 -14.86 23.34 -12.01
N SER B 221 -15.30 22.22 -11.43
CA SER B 221 -16.72 21.87 -11.52
C SER B 221 -17.58 22.92 -10.84
N ALA B 222 -17.16 23.40 -9.67
CA ALA B 222 -17.92 24.42 -8.96
C ALA B 222 -18.03 25.69 -9.79
N SER B 223 -16.92 26.13 -10.38
CA SER B 223 -16.94 27.33 -11.21
C SER B 223 -17.80 27.13 -12.45
N ARG B 224 -17.74 25.95 -13.06
CA ARG B 224 -18.61 25.63 -14.18
C ARG B 224 -20.08 25.63 -13.75
N ALA B 225 -20.34 25.38 -12.48
CA ALA B 225 -21.70 25.39 -11.94
C ALA B 225 -22.15 26.77 -11.49
N GLY B 226 -21.26 27.77 -11.53
CA GLY B 226 -21.59 29.09 -11.03
C GLY B 226 -21.46 29.24 -9.53
N ILE B 227 -20.95 28.23 -8.83
CA ILE B 227 -20.80 28.29 -7.38
C ILE B 227 -19.41 28.79 -7.04
N THR B 228 -19.34 29.72 -6.10
CA THR B 228 -18.07 30.21 -5.57
C THR B 228 -17.72 29.42 -4.32
N MET B 229 -16.54 28.79 -4.33
CA MET B 229 -16.11 27.96 -3.22
C MET B 229 -14.84 28.49 -2.56
N GLU B 230 -14.58 29.79 -2.70
CA GLU B 230 -13.36 30.36 -2.14
C GLU B 230 -13.37 30.34 -0.61
N SER B 231 -14.55 30.38 0.01
CA SER B 231 -14.64 30.27 1.45
C SER B 231 -14.14 28.92 1.93
N TYR B 232 -14.35 27.87 1.13
CA TYR B 232 -13.86 26.54 1.51
C TYR B 232 -12.34 26.55 1.68
N LEU B 233 -11.63 27.19 0.75
CA LEU B 233 -10.18 27.29 0.86
C LEU B 233 -9.79 28.23 2.00
N SER B 234 -10.40 29.41 2.06
CA SER B 234 -9.97 30.40 3.05
C SER B 234 -10.34 29.97 4.46
N GLU B 235 -11.58 29.55 4.68
CA GLU B 235 -12.04 29.24 6.03
C GLU B 235 -11.89 27.76 6.38
N SER B 236 -12.54 26.88 5.62
CA SER B 236 -12.54 25.47 5.97
C SER B 236 -11.13 24.87 5.94
N LEU B 237 -10.35 25.21 4.92
CA LEU B 237 -8.97 24.76 4.82
C LEU B 237 -8.00 25.68 5.57
N MET B 238 -8.50 26.75 6.19
CA MET B 238 -7.71 27.68 6.99
C MET B 238 -6.47 28.14 6.25
N ARG B 243 -1.59 33.36 4.04
CA ARG B 243 -2.28 33.57 2.77
C ARG B 243 -1.34 33.25 1.62
N THR B 244 -0.05 33.12 1.93
CA THR B 244 0.91 32.71 0.91
C THR B 244 0.56 31.32 0.38
N CYS B 245 0.24 30.40 1.29
CA CYS B 245 -0.13 29.04 0.88
C CYS B 245 -1.36 29.04 0.00
N LEU B 246 -2.34 29.90 0.31
CA LEU B 246 -3.51 30.03 -0.55
C LEU B 246 -3.12 30.52 -1.94
N SER B 247 -2.14 31.43 -2.02
CA SER B 247 -1.68 31.91 -3.32
C SER B 247 -1.03 30.79 -4.12
N GLN B 248 -0.16 30.00 -3.48
CA GLN B 248 0.47 28.90 -4.19
C GLN B 248 -0.56 27.87 -4.66
N LEU B 249 -1.55 27.57 -3.80
CA LEU B 249 -2.59 26.62 -4.19
C LEU B 249 -3.41 27.14 -5.36
N LEU B 250 -3.80 28.41 -5.32
CA LEU B 250 -4.59 28.98 -6.40
C LEU B 250 -3.80 28.97 -7.71
N ASP B 251 -2.49 29.27 -7.63
CA ASP B 251 -1.67 29.26 -8.83
C ASP B 251 -1.52 27.85 -9.38
N ILE B 252 -1.37 26.85 -8.50
CA ILE B 252 -1.29 25.47 -8.95
C ILE B 252 -2.57 25.08 -9.69
N MET B 253 -3.72 25.44 -9.11
CA MET B 253 -4.99 25.10 -9.76
C MET B 253 -5.14 25.78 -11.11
N LYS B 254 -4.78 27.06 -11.20
CA LYS B 254 -4.90 27.76 -12.47
C LYS B 254 -3.95 27.21 -13.52
N SER B 255 -2.73 26.86 -13.11
CA SER B 255 -1.79 26.25 -14.05
C SER B 255 -2.29 24.89 -14.53
N MET B 256 -2.92 24.13 -13.64
CA MET B 256 -3.51 22.85 -14.06
C MET B 256 -4.62 23.08 -15.07
N ARG B 257 -5.51 24.03 -14.81
CA ARG B 257 -6.57 24.33 -15.76
C ARG B 257 -6.01 24.78 -17.10
N ASN B 258 -4.90 25.51 -17.07
CA ASN B 258 -4.24 25.93 -18.31
C ASN B 258 -3.63 24.74 -19.05
N LEU B 259 -3.02 23.81 -18.31
CA LEU B 259 -2.51 22.59 -18.93
C LEU B 259 -3.63 21.84 -19.62
N VAL B 260 -4.80 21.76 -18.99
CA VAL B 260 -5.95 21.14 -19.63
C VAL B 260 -6.34 21.93 -20.88
N LYS B 261 -6.35 23.26 -20.79
CA LYS B 261 -6.77 24.08 -21.93
C LYS B 261 -5.80 23.94 -23.09
N LYS B 262 -4.49 23.86 -22.82
CA LYS B 262 -3.48 23.79 -23.86
C LYS B 262 -3.32 22.40 -24.46
N TYR B 263 -4.02 21.39 -23.92
CA TYR B 263 -3.89 20.03 -24.42
C TYR B 263 -4.39 19.93 -25.86
N GLU B 264 -3.62 19.23 -26.68
CA GLU B 264 -3.98 18.97 -28.07
C GLU B 264 -4.13 17.47 -28.27
N PRO B 265 -5.34 16.96 -28.54
CA PRO B 265 -5.50 15.53 -28.74
C PRO B 265 -4.88 15.09 -30.06
N PRO B 266 -4.40 13.86 -30.15
CA PRO B 266 -3.80 13.39 -31.41
C PRO B 266 -4.81 13.41 -32.55
N ARG B 267 -4.32 13.76 -33.73
CA ARG B 267 -5.12 13.82 -34.94
C ARG B 267 -4.88 12.58 -35.79
N SER B 268 -5.91 12.16 -36.52
CA SER B 268 -5.89 10.85 -37.17
C SER B 268 -4.77 10.75 -38.19
N GLU B 269 -4.62 11.75 -39.05
CA GLU B 269 -3.68 11.64 -40.17
C GLU B 269 -2.23 11.62 -39.67
N GLU B 270 -1.88 12.54 -38.78
CA GLU B 270 -0.53 12.55 -38.23
C GLU B 270 -0.25 11.28 -37.46
N VAL B 271 -1.26 10.76 -36.74
CA VAL B 271 -1.07 9.53 -35.98
C VAL B 271 -0.82 8.35 -36.92
N ALA B 272 -1.57 8.27 -38.03
CA ALA B 272 -1.33 7.20 -38.99
C ALA B 272 0.07 7.29 -39.58
N VAL B 273 0.50 8.51 -39.94
CA VAL B 273 1.84 8.68 -40.49
C VAL B 273 2.91 8.27 -39.48
N LEU B 274 2.74 8.68 -38.22
CA LEU B 274 3.69 8.31 -37.19
C LEU B 274 3.67 6.82 -36.89
N LYS B 275 2.50 6.19 -36.99
CA LYS B 275 2.43 4.75 -36.80
C LYS B 275 3.20 4.02 -37.89
N GLN B 276 3.06 4.46 -39.14
CA GLN B 276 3.88 3.90 -40.21
C GLN B 276 5.35 4.08 -39.92
N LYS B 277 5.74 5.29 -39.48
CA LYS B 277 7.15 5.55 -39.17
C LYS B 277 7.65 4.63 -38.05
N LEU B 278 6.83 4.41 -37.02
CA LEU B 278 7.24 3.58 -35.90
C LEU B 278 7.34 2.11 -36.30
N GLU B 279 6.41 1.64 -37.13
CA GLU B 279 6.50 0.27 -37.62
C GLU B 279 7.76 0.05 -38.45
N ARG B 280 8.12 1.04 -39.27
CA ARG B 280 9.41 1.01 -39.96
C ARG B 280 10.60 1.04 -39.00
N CYS B 281 10.52 1.84 -37.93
CA CYS B 281 11.61 1.85 -36.96
C CYS B 281 11.80 0.49 -36.33
N HIS B 282 10.70 -0.19 -35.99
CA HIS B 282 10.80 -1.50 -35.38
C HIS B 282 11.08 -2.61 -36.39
N SER B 283 10.80 -2.38 -37.67
CA SER B 283 11.17 -3.35 -38.70
C SER B 283 12.67 -3.31 -38.99
N ALA B 284 13.24 -2.12 -39.08
CA ALA B 284 14.66 -1.97 -39.33
C ALA B 284 15.47 -2.41 -38.11
N GLU B 285 16.68 -2.91 -38.38
CA GLU B 285 17.56 -3.44 -37.34
C GLU B 285 16.89 -4.57 -36.57
N LYS C 13 24.59 -9.53 -9.88
CA LYS C 13 24.87 -8.11 -10.04
C LYS C 13 26.09 -7.68 -9.22
N ARG C 14 25.86 -6.76 -8.28
CA ARG C 14 26.92 -6.23 -7.44
C ARG C 14 27.12 -7.04 -6.16
N TYR C 15 26.41 -8.15 -6.01
CA TYR C 15 26.48 -8.97 -4.81
C TYR C 15 26.99 -10.36 -5.16
N GLU C 16 27.93 -10.86 -4.36
CA GLU C 16 28.41 -12.24 -4.47
C GLU C 16 27.88 -13.04 -3.27
N LYS C 17 27.34 -14.21 -3.55
CA LYS C 17 26.69 -15.01 -2.51
C LYS C 17 27.71 -15.56 -1.54
N LEU C 18 27.58 -15.21 -0.26
CA LEU C 18 28.47 -15.73 0.76
C LEU C 18 27.95 -17.06 1.32
N ASP C 19 26.73 -17.06 1.85
CA ASP C 19 26.20 -18.19 2.58
C ASP C 19 24.76 -18.45 2.15
N PHE C 20 24.24 -19.61 2.53
CA PHE C 20 22.86 -19.99 2.29
C PHE C 20 22.07 -19.86 3.58
N LEU C 21 20.97 -19.11 3.54
CA LEU C 21 20.22 -18.77 4.74
C LEU C 21 18.90 -19.50 4.89
N GLY C 22 18.36 -20.06 3.83
CA GLY C 22 17.14 -20.85 3.96
C GLY C 22 16.39 -20.95 2.66
N GLU C 23 15.41 -21.86 2.66
CA GLU C 23 14.52 -22.08 1.54
C GLU C 23 13.08 -21.99 2.01
N GLY C 24 12.20 -21.57 1.09
CA GLY C 24 10.79 -21.50 1.36
C GLY C 24 10.00 -21.88 0.13
N GLN C 25 8.67 -21.88 0.28
CA GLN C 25 7.80 -22.17 -0.86
C GLN C 25 7.82 -21.07 -1.89
N PHE C 26 8.36 -19.90 -1.57
CA PHE C 26 8.40 -18.76 -2.48
C PHE C 26 9.79 -18.45 -3.00
N ALA C 27 10.83 -18.56 -2.18
CA ALA C 27 12.14 -18.05 -2.55
C ALA C 27 13.20 -18.71 -1.69
N THR C 28 14.46 -18.44 -2.04
CA THR C 28 15.62 -18.89 -1.29
C THR C 28 16.45 -17.68 -0.87
N VAL C 29 16.92 -17.68 0.37
CA VAL C 29 17.61 -16.52 0.94
C VAL C 29 19.08 -16.86 1.10
N TYR C 30 19.94 -15.95 0.65
CA TYR C 30 21.38 -16.07 0.81
C TYR C 30 21.91 -14.84 1.53
N LYS C 31 23.05 -15.02 2.19
CA LYS C 31 23.79 -13.92 2.79
C LYS C 31 24.90 -13.51 1.83
N ALA C 32 24.96 -12.22 1.50
CA ALA C 32 25.89 -11.72 0.50
C ALA C 32 26.41 -10.35 0.93
N ARG C 33 27.25 -9.76 0.09
CA ARG C 33 27.76 -8.42 0.37
C ARG C 33 27.31 -7.43 -0.71
N ILE C 40 26.78 -6.11 4.95
CA ILE C 40 26.27 -7.43 4.59
C ILE C 40 24.76 -7.35 4.39
N VAL C 41 24.27 -8.03 3.36
CA VAL C 41 22.86 -8.00 2.98
C VAL C 41 22.35 -9.43 2.84
N ALA C 42 21.03 -9.55 2.73
CA ALA C 42 20.36 -10.81 2.47
C ALA C 42 19.59 -10.70 1.16
N ILE C 43 19.79 -11.66 0.27
CA ILE C 43 19.15 -11.68 -1.02
C ILE C 43 18.11 -12.78 -1.02
N LYS C 44 16.87 -12.43 -1.32
CA LYS C 44 15.78 -13.37 -1.50
C LYS C 44 15.56 -13.56 -2.99
N LYS C 45 15.99 -14.70 -3.52
CA LYS C 45 15.83 -15.05 -4.92
C LYS C 45 14.53 -15.82 -5.11
N LYS C 55 3.07 -19.33 -16.41
CA LYS C 55 2.89 -18.20 -17.32
C LYS C 55 2.34 -16.98 -16.60
N ASP C 56 2.31 -17.03 -15.27
CA ASP C 56 1.77 -15.92 -14.49
C ASP C 56 2.69 -14.71 -14.47
N GLY C 57 3.94 -14.86 -14.86
CA GLY C 57 4.90 -13.77 -14.84
C GLY C 57 5.64 -13.67 -13.52
N ILE C 58 6.07 -12.46 -13.16
CA ILE C 58 6.81 -12.26 -11.93
C ILE C 58 5.96 -12.66 -10.73
N ASN C 59 6.61 -13.24 -9.73
CA ASN C 59 5.90 -13.77 -8.56
C ASN C 59 5.18 -12.66 -7.80
N ARG C 60 3.91 -12.92 -7.46
CA ARG C 60 3.09 -11.91 -6.80
C ARG C 60 3.57 -11.59 -5.40
N THR C 61 4.12 -12.58 -4.68
CA THR C 61 4.64 -12.31 -3.34
C THR C 61 5.82 -11.35 -3.40
N ALA C 62 6.72 -11.55 -4.36
CA ALA C 62 7.85 -10.63 -4.51
C ALA C 62 7.39 -9.24 -4.91
N LEU C 63 6.41 -9.15 -5.81
CA LEU C 63 5.88 -7.83 -6.17
C LEU C 63 5.20 -7.16 -4.99
N ARG C 64 4.50 -7.93 -4.16
CA ARG C 64 3.86 -7.38 -2.98
C ARG C 64 4.91 -6.81 -2.03
N GLU C 65 5.97 -7.58 -1.77
CA GLU C 65 7.03 -7.08 -0.91
C GLU C 65 7.68 -5.84 -1.49
N ILE C 66 7.91 -5.82 -2.80
CA ILE C 66 8.54 -4.67 -3.43
C ILE C 66 7.64 -3.44 -3.29
N LYS C 67 6.37 -3.58 -3.69
CA LYS C 67 5.47 -2.43 -3.71
C LYS C 67 5.22 -1.88 -2.31
N LEU C 68 5.24 -2.74 -1.29
CA LEU C 68 4.98 -2.23 0.05
C LEU C 68 6.23 -1.66 0.69
N LEU C 69 7.35 -2.37 0.60
CA LEU C 69 8.54 -1.93 1.32
C LEU C 69 9.20 -0.71 0.69
N GLN C 70 8.83 -0.36 -0.55
CA GLN C 70 9.36 0.87 -1.14
C GLN C 70 8.66 2.11 -0.59
N GLU C 71 7.44 1.98 -0.10
CA GLU C 71 6.67 3.11 0.41
C GLU C 71 6.80 3.29 1.91
N LEU C 72 7.57 2.44 2.59
CA LEU C 72 7.68 2.45 4.04
C LEU C 72 9.13 2.62 4.45
N SER C 73 9.34 3.41 5.51
CA SER C 73 10.69 3.67 6.01
C SER C 73 10.58 3.91 7.52
N HIS C 74 10.97 2.89 8.29
CA HIS C 74 10.87 2.93 9.75
C HIS C 74 11.94 2.01 10.32
N PRO C 75 12.53 2.37 11.46
CA PRO C 75 13.60 1.52 12.03
C PRO C 75 13.17 0.11 12.37
N ASN C 76 11.88 -0.10 12.69
CA ASN C 76 11.38 -1.42 13.08
C ASN C 76 10.63 -2.11 11.95
N ILE C 77 10.91 -1.74 10.71
CA ILE C 77 10.34 -2.39 9.54
C ILE C 77 11.49 -2.72 8.60
N ILE C 78 11.48 -3.94 8.05
CA ILE C 78 12.60 -4.39 7.24
C ILE C 78 12.73 -3.51 6.01
N GLY C 79 13.96 -3.10 5.70
CA GLY C 79 14.22 -2.21 4.60
C GLY C 79 14.56 -2.97 3.34
N LEU C 80 13.89 -2.60 2.24
CA LEU C 80 14.21 -3.12 0.92
C LEU C 80 15.28 -2.23 0.33
N LEU C 81 16.53 -2.71 0.34
CA LEU C 81 17.66 -1.93 -0.15
C LEU C 81 17.73 -1.88 -1.67
N ASP C 82 17.32 -2.96 -2.34
CA ASP C 82 17.45 -3.03 -3.80
C ASP C 82 16.63 -4.20 -4.30
N ALA C 83 16.37 -4.19 -5.61
CA ALA C 83 15.79 -5.34 -6.31
C ALA C 83 16.37 -5.37 -7.73
N PHE C 84 16.44 -6.58 -8.28
CA PHE C 84 17.05 -6.81 -9.59
C PHE C 84 16.82 -8.28 -9.96
N GLY C 85 16.86 -8.55 -11.26
CA GLY C 85 16.69 -9.92 -11.71
C GLY C 85 16.76 -10.01 -13.22
N HIS C 86 16.46 -11.22 -13.72
CA HIS C 86 16.46 -11.49 -15.15
C HIS C 86 15.25 -12.34 -15.50
N LYS C 87 14.67 -12.07 -16.67
CA LYS C 87 13.49 -12.80 -17.16
C LYS C 87 12.39 -12.65 -16.13
N SER C 88 11.74 -13.73 -15.70
CA SER C 88 10.73 -13.68 -14.65
C SER C 88 11.32 -13.91 -13.26
N ASN C 89 12.64 -13.98 -13.14
CA ASN C 89 13.30 -14.06 -11.85
C ASN C 89 13.59 -12.65 -11.32
N ILE C 90 13.63 -12.53 -10.00
CA ILE C 90 13.87 -11.26 -9.33
C ILE C 90 14.54 -11.55 -8.00
N SER C 91 15.45 -10.66 -7.58
CA SER C 91 16.23 -10.84 -6.37
C SER C 91 16.03 -9.63 -5.47
N LEU C 92 15.29 -9.83 -4.37
CA LEU C 92 15.11 -8.75 -3.41
C LEU C 92 16.32 -8.68 -2.49
N VAL C 93 16.74 -7.46 -2.16
CA VAL C 93 17.86 -7.24 -1.27
C VAL C 93 17.35 -6.56 -0.02
N PHE C 94 17.66 -7.13 1.14
CA PHE C 94 17.29 -6.58 2.43
C PHE C 94 18.54 -6.47 3.30
N ASP C 95 18.42 -5.70 4.37
CA ASP C 95 19.44 -5.75 5.41
C ASP C 95 19.51 -7.15 6.00
N PHE C 96 20.71 -7.59 6.33
CA PHE C 96 20.89 -8.93 6.86
C PHE C 96 20.47 -8.95 8.32
N MET C 97 19.63 -9.91 8.67
CA MET C 97 18.96 -9.96 9.97
C MET C 97 19.56 -11.15 10.71
N GLU C 98 20.11 -10.89 11.91
CA GLU C 98 20.89 -11.92 12.60
C GLU C 98 20.04 -13.10 13.05
N THR C 99 18.93 -12.84 13.74
CA THR C 99 18.09 -13.89 14.27
C THR C 99 16.64 -13.40 14.28
N ASP C 100 15.75 -14.17 14.91
CA ASP C 100 14.36 -13.76 15.06
C ASP C 100 13.89 -14.15 16.47
N LEU C 101 12.65 -13.74 16.78
CA LEU C 101 12.12 -13.96 18.12
C LEU C 101 11.86 -15.43 18.40
N GLU C 102 11.58 -16.23 17.38
CA GLU C 102 11.34 -17.65 17.58
C GLU C 102 12.58 -18.35 18.12
N VAL C 103 13.75 -18.03 17.58
CA VAL C 103 14.99 -18.61 18.08
C VAL C 103 15.26 -18.14 19.51
N ILE C 104 14.90 -16.90 19.82
CA ILE C 104 15.06 -16.41 21.20
C ILE C 104 14.15 -17.18 22.15
N ILE C 105 12.89 -17.39 21.74
CA ILE C 105 11.94 -18.07 22.61
C ILE C 105 12.36 -19.51 22.84
N LYS C 106 12.77 -20.20 21.78
CA LYS C 106 13.10 -21.61 21.90
C LYS C 106 14.47 -21.86 22.52
N ASP C 107 15.31 -20.83 22.68
CA ASP C 107 16.64 -21.01 23.24
C ASP C 107 16.53 -21.11 24.76
N ASN C 108 16.73 -22.32 25.29
CA ASN C 108 16.59 -22.56 26.72
C ASN C 108 17.75 -22.00 27.54
N SER C 109 18.85 -21.61 26.90
CA SER C 109 19.90 -20.89 27.61
C SER C 109 19.54 -19.43 27.83
N LEU C 110 18.61 -18.89 27.06
CA LEU C 110 18.24 -17.48 27.15
C LEU C 110 17.15 -17.30 28.20
N VAL C 111 17.30 -16.28 29.04
CA VAL C 111 16.31 -15.90 30.03
C VAL C 111 15.68 -14.60 29.57
N LEU C 112 14.35 -14.59 29.45
CA LEU C 112 13.60 -13.43 28.99
C LEU C 112 13.09 -12.67 30.22
N THR C 113 13.89 -11.73 30.68
CA THR C 113 13.50 -10.86 31.78
C THR C 113 12.36 -9.94 31.33
N PRO C 114 11.60 -9.38 32.28
CA PRO C 114 10.53 -8.45 31.90
C PRO C 114 11.02 -7.29 31.05
N SER C 115 12.26 -6.82 31.27
CA SER C 115 12.81 -5.76 30.43
C SER C 115 12.98 -6.22 28.98
N HIS C 116 13.49 -7.44 28.77
CA HIS C 116 13.65 -7.96 27.42
C HIS C 116 12.31 -8.05 26.70
N ILE C 117 11.32 -8.61 27.39
CA ILE C 117 9.99 -8.74 26.82
C ILE C 117 9.40 -7.37 26.50
N LYS C 118 9.59 -6.42 27.41
CA LYS C 118 9.11 -5.06 27.19
C LYS C 118 9.74 -4.45 25.96
N ALA C 119 11.05 -4.64 25.78
CA ALA C 119 11.74 -4.07 24.62
C ALA C 119 11.26 -4.70 23.31
N TYR C 120 11.15 -6.03 23.29
CA TYR C 120 10.66 -6.70 22.09
C TYR C 120 9.26 -6.21 21.74
N MET C 121 8.41 -6.11 22.76
CA MET C 121 7.04 -5.66 22.56
C MET C 121 7.02 -4.21 22.06
N LEU C 122 7.91 -3.37 22.60
CA LEU C 122 7.96 -1.97 22.22
C LEU C 122 8.38 -1.81 20.77
N MET C 123 9.45 -2.50 20.36
CA MET C 123 9.89 -2.40 18.97
C MET C 123 8.82 -2.95 18.03
N THR C 124 8.22 -4.08 18.37
CA THR C 124 7.17 -4.65 17.54
C THR C 124 6.02 -3.66 17.40
N LEU C 125 5.59 -3.05 18.51
CA LEU C 125 4.45 -2.16 18.47
C LEU C 125 4.76 -0.86 17.77
N GLN C 126 5.98 -0.35 17.87
CA GLN C 126 6.32 0.88 17.15
C GLN C 126 6.35 0.64 15.64
N GLY C 127 6.96 -0.46 15.22
CA GLY C 127 6.88 -0.82 13.81
C GLY C 127 5.45 -1.01 13.35
N LEU C 128 4.63 -1.66 14.16
CA LEU C 128 3.24 -1.90 13.80
C LEU C 128 2.43 -0.61 13.78
N GLU C 129 2.73 0.32 14.69
CA GLU C 129 2.06 1.61 14.68
C GLU C 129 2.36 2.35 13.38
N TYR C 130 3.65 2.42 13.01
CA TYR C 130 4.01 3.03 11.74
C TYR C 130 3.29 2.35 10.58
N LEU C 131 3.29 1.02 10.57
CA LEU C 131 2.65 0.28 9.48
C LEU C 131 1.16 0.58 9.41
N HIS C 132 0.49 0.65 10.56
CA HIS C 132 -0.95 0.86 10.58
C HIS C 132 -1.32 2.29 10.16
N GLN C 133 -0.49 3.27 10.53
CA GLN C 133 -0.76 4.64 10.10
C GLN C 133 -0.75 4.76 8.58
N HIS C 134 0.07 3.96 7.90
CA HIS C 134 0.06 3.91 6.45
C HIS C 134 -0.90 2.87 5.91
N TRP C 135 -1.87 2.46 6.72
CA TRP C 135 -3.01 1.66 6.27
C TRP C 135 -2.56 0.34 5.64
N ILE C 136 -1.58 -0.31 6.27
CA ILE C 136 -1.08 -1.61 5.85
C ILE C 136 -1.14 -2.57 7.03
N LEU C 137 -1.78 -3.72 6.82
CA LEU C 137 -1.76 -4.82 7.79
C LEU C 137 -0.66 -5.81 7.43
N HIS C 138 0.04 -6.31 8.44
CA HIS C 138 1.08 -7.31 8.19
C HIS C 138 0.46 -8.66 7.83
N ARG C 139 -0.45 -9.16 8.67
CA ARG C 139 -1.21 -10.40 8.49
C ARG C 139 -0.35 -11.65 8.50
N ASP C 140 0.91 -11.54 8.91
CA ASP C 140 1.74 -12.74 9.07
C ASP C 140 2.62 -12.62 10.30
N LEU C 141 2.15 -11.93 11.32
CA LEU C 141 2.95 -11.72 12.52
C LEU C 141 3.15 -13.03 13.25
N LYS C 142 4.40 -13.31 13.60
CA LYS C 142 4.79 -14.50 14.35
C LYS C 142 6.25 -14.35 14.74
N PRO C 143 6.71 -15.09 15.74
CA PRO C 143 8.07 -14.83 16.27
C PRO C 143 9.17 -14.92 15.23
N ASN C 144 9.07 -15.83 14.25
CA ASN C 144 10.14 -15.92 13.26
C ASN C 144 10.01 -14.87 12.17
N ASN C 145 8.93 -14.09 12.15
CA ASN C 145 8.80 -12.95 11.26
C ASN C 145 9.17 -11.64 11.92
N LEU C 146 9.64 -11.69 13.17
CA LEU C 146 10.17 -10.53 13.87
C LEU C 146 11.67 -10.75 13.97
N LEU C 147 12.43 -10.16 13.05
CA LEU C 147 13.85 -10.47 12.94
C LEU C 147 14.68 -9.47 13.74
N LEU C 148 15.79 -9.95 14.29
CA LEU C 148 16.67 -9.17 15.13
C LEU C 148 18.04 -9.05 14.48
N ASP C 149 18.58 -7.83 14.43
CA ASP C 149 19.87 -7.61 13.80
C ASP C 149 20.97 -7.65 14.84
N GLU C 150 22.20 -7.33 14.43
CA GLU C 150 23.32 -7.39 15.34
C GLU C 150 23.28 -6.30 16.41
N ASN C 151 22.42 -5.29 16.25
CA ASN C 151 22.29 -4.21 17.22
C ASN C 151 21.07 -4.35 18.12
N GLY C 152 20.33 -5.45 18.01
CA GLY C 152 19.16 -5.64 18.83
C GLY C 152 17.93 -4.86 18.39
N VAL C 153 17.87 -4.44 17.13
CA VAL C 153 16.72 -3.72 16.62
C VAL C 153 15.77 -4.73 15.98
N LEU C 154 14.56 -4.82 16.50
CA LEU C 154 13.57 -5.72 15.95
C LEU C 154 12.93 -5.09 14.73
N LYS C 155 12.85 -5.85 13.65
CA LYS C 155 12.20 -5.40 12.43
C LYS C 155 11.14 -6.40 12.02
N LEU C 156 9.95 -5.90 11.68
CA LEU C 156 8.95 -6.72 11.05
C LEU C 156 9.42 -7.10 9.65
N ALA C 157 9.35 -8.39 9.33
CA ALA C 157 9.81 -8.89 8.04
C ALA C 157 8.74 -9.79 7.44
N ASP C 158 9.04 -10.34 6.27
CA ASP C 158 8.15 -11.24 5.54
C ASP C 158 6.79 -10.57 5.29
N PHE C 159 6.85 -9.53 4.46
CA PHE C 159 5.66 -8.79 4.07
C PHE C 159 4.92 -9.42 2.90
N GLY C 160 5.16 -10.72 2.65
CA GLY C 160 4.56 -11.40 1.51
C GLY C 160 3.07 -11.56 1.57
N LEU C 161 2.47 -11.42 2.76
CA LEU C 161 1.02 -11.46 2.90
C LEU C 161 0.44 -10.12 3.34
N ALA C 162 1.28 -9.10 3.51
CA ALA C 162 0.80 -7.80 3.95
C ALA C 162 -0.11 -7.17 2.89
N LYS C 163 -1.10 -6.43 3.36
CA LYS C 163 -2.09 -5.82 2.48
C LYS C 163 -2.54 -4.48 3.03
N SER C 164 -2.97 -3.61 2.12
CA SER C 164 -3.55 -2.33 2.53
C SER C 164 -4.95 -2.55 3.11
N PHE C 165 -5.32 -1.72 4.07
CA PHE C 165 -6.63 -1.82 4.68
C PHE C 165 -7.25 -0.43 4.80
N GLY C 166 -8.56 -0.41 5.03
CA GLY C 166 -9.32 0.81 5.10
C GLY C 166 -10.11 1.15 3.86
N SER C 167 -10.08 0.29 2.84
CA SER C 167 -10.84 0.52 1.61
C SER C 167 -11.99 -0.48 1.54
N PRO C 168 -13.25 -0.01 1.59
CA PRO C 168 -14.39 -0.95 1.58
C PRO C 168 -14.48 -1.80 0.31
N ASN C 169 -14.08 -1.28 -0.85
CA ASN C 169 -14.25 -1.98 -2.12
C ASN C 169 -13.24 -3.11 -2.32
N ARG C 170 -12.49 -3.49 -1.28
CA ARG C 170 -11.51 -4.57 -1.37
C ARG C 170 -11.82 -5.61 -0.30
N ALA C 171 -11.94 -6.87 -0.72
CA ALA C 171 -12.23 -7.98 0.18
C ALA C 171 -10.97 -8.81 0.44
N TYR C 172 -10.92 -9.43 1.61
CA TYR C 172 -9.73 -10.14 2.06
C TYR C 172 -10.10 -11.58 2.40
N THR C 173 -9.08 -12.42 2.49
CA THR C 173 -9.24 -13.83 2.86
C THR C 173 -8.92 -14.01 4.35
N HIS C 174 -9.65 -14.93 4.98
CA HIS C 174 -9.49 -15.18 6.41
C HIS C 174 -8.44 -16.25 6.72
N GLN C 175 -7.91 -16.92 5.70
CA GLN C 175 -6.87 -17.91 5.92
C GLN C 175 -5.53 -17.29 6.30
N VAL C 176 -5.42 -15.96 6.21
CA VAL C 176 -4.17 -15.29 6.54
C VAL C 176 -3.84 -15.47 8.01
N VAL C 177 -2.57 -15.21 8.35
CA VAL C 177 -1.99 -15.43 9.67
C VAL C 177 -1.94 -16.92 9.97
N THR C 178 -0.78 -17.40 10.39
CA THR C 178 -0.67 -18.81 10.74
C THR C 178 -1.53 -19.12 11.96
N ARG C 179 -1.92 -20.39 12.07
CA ARG C 179 -3.05 -20.77 12.91
C ARG C 179 -2.80 -20.43 14.38
N TRP C 180 -1.60 -20.71 14.90
CA TRP C 180 -1.33 -20.51 16.31
C TRP C 180 -1.41 -19.03 16.72
N TYR C 181 -1.34 -18.12 15.75
CA TYR C 181 -1.38 -16.69 16.03
C TYR C 181 -2.57 -16.02 15.35
N ARG C 182 -3.53 -16.80 14.88
CA ARG C 182 -4.68 -16.27 14.16
C ARG C 182 -5.73 -15.76 15.13
N ALA C 183 -6.23 -14.55 14.87
CA ALA C 183 -7.24 -13.96 15.73
C ALA C 183 -8.57 -14.68 15.55
N PRO C 184 -9.42 -14.70 16.59
CA PRO C 184 -10.70 -15.40 16.48
C PRO C 184 -11.60 -14.85 15.40
N GLU C 185 -11.55 -13.55 15.11
CA GLU C 185 -12.36 -13.01 14.03
C GLU C 185 -11.96 -13.65 12.70
N LEU C 186 -10.66 -13.85 12.49
CA LEU C 186 -10.21 -14.58 11.30
C LEU C 186 -10.67 -16.02 11.33
N LEU C 187 -10.55 -16.69 12.47
CA LEU C 187 -10.95 -18.09 12.59
C LEU C 187 -12.44 -18.28 12.34
N PHE C 188 -13.25 -17.24 12.47
CA PHE C 188 -14.67 -17.31 12.16
C PHE C 188 -14.98 -16.75 10.78
N GLY C 189 -13.97 -16.55 9.94
CA GLY C 189 -14.21 -16.18 8.57
C GLY C 189 -14.41 -14.71 8.29
N ALA C 190 -13.79 -13.84 9.07
CA ALA C 190 -13.90 -12.40 8.81
C ALA C 190 -13.15 -12.06 7.52
N ARG C 191 -13.90 -11.58 6.52
CA ARG C 191 -13.27 -11.06 5.31
C ARG C 191 -12.73 -9.65 5.54
N MET C 192 -13.57 -8.76 6.07
CA MET C 192 -13.16 -7.41 6.37
C MET C 192 -12.67 -7.34 7.82
N TYR C 193 -11.47 -6.80 8.01
CA TYR C 193 -10.92 -6.66 9.35
C TYR C 193 -9.96 -5.49 9.36
N GLY C 194 -9.34 -5.26 10.51
CA GLY C 194 -8.43 -4.16 10.68
C GLY C 194 -7.18 -4.52 11.45
N VAL C 195 -6.67 -3.60 12.26
CA VAL C 195 -5.42 -3.80 12.95
C VAL C 195 -5.50 -4.92 13.97
N GLY C 196 -6.70 -5.31 14.39
CA GLY C 196 -6.84 -6.34 15.41
C GLY C 196 -6.18 -7.65 15.04
N VAL C 197 -6.27 -8.03 13.75
CA VAL C 197 -5.63 -9.26 13.30
C VAL C 197 -4.14 -9.24 13.57
N ASP C 198 -3.51 -8.07 13.47
CA ASP C 198 -2.12 -7.99 13.90
C ASP C 198 -2.01 -7.98 15.42
N MET C 199 -2.86 -7.19 16.08
CA MET C 199 -2.72 -7.00 17.52
C MET C 199 -2.89 -8.33 18.25
N TRP C 200 -3.90 -9.11 17.88
CA TRP C 200 -4.08 -10.43 18.48
C TRP C 200 -2.81 -11.26 18.34
N ALA C 201 -2.23 -11.27 17.13
CA ALA C 201 -0.99 -12.00 16.94
C ALA C 201 0.09 -11.48 17.86
N VAL C 202 0.17 -10.15 17.99
CA VAL C 202 1.09 -9.55 18.95
C VAL C 202 0.81 -10.11 20.34
N GLY C 203 -0.46 -10.14 20.73
CA GLY C 203 -0.81 -10.76 22.00
C GLY C 203 -0.29 -12.18 22.09
N CYS C 204 -0.58 -12.99 21.07
CA CYS C 204 -0.07 -14.35 21.04
C CYS C 204 1.45 -14.35 21.21
N ILE C 205 2.14 -13.46 20.47
CA ILE C 205 3.59 -13.40 20.57
C ILE C 205 3.99 -13.06 21.99
N LEU C 206 3.31 -12.07 22.59
CA LEU C 206 3.58 -11.73 23.98
C LEU C 206 3.42 -12.95 24.87
N ALA C 207 2.33 -13.70 24.67
CA ALA C 207 2.12 -14.90 25.45
C ALA C 207 3.26 -15.88 25.26
N GLU C 208 3.71 -16.05 24.02
CA GLU C 208 4.82 -16.95 23.76
C GLU C 208 6.10 -16.44 24.42
N LEU C 209 6.26 -15.11 24.49
CA LEU C 209 7.42 -14.58 25.18
C LEU C 209 7.36 -14.86 26.68
N LEU C 210 6.15 -14.97 27.23
CA LEU C 210 6.01 -15.17 28.66
C LEU C 210 6.11 -16.64 29.05
N LEU C 211 5.47 -17.53 28.30
CA LEU C 211 5.43 -18.95 28.59
C LEU C 211 6.58 -19.72 27.95
N ARG C 212 7.29 -19.12 27.00
CA ARG C 212 8.35 -19.80 26.23
C ARG C 212 7.79 -20.98 25.43
N VAL C 213 6.51 -20.93 25.11
CA VAL C 213 5.83 -22.00 24.39
C VAL C 213 4.64 -21.35 23.67
N PRO C 214 4.19 -21.88 22.54
CA PRO C 214 3.02 -21.29 21.88
C PRO C 214 1.82 -21.27 22.81
N PHE C 215 1.14 -20.13 22.82
CA PHE C 215 -0.01 -19.97 23.71
C PHE C 215 -1.11 -20.95 23.35
N LEU C 216 -1.50 -20.98 22.08
CA LEU C 216 -2.70 -21.68 21.63
C LEU C 216 -2.32 -22.55 20.43
N PRO C 217 -1.63 -23.68 20.66
CA PRO C 217 -1.16 -24.52 19.53
C PRO C 217 -2.23 -25.46 19.01
N GLY C 218 -3.24 -24.89 18.35
CA GLY C 218 -4.29 -25.72 17.77
C GLY C 218 -3.80 -26.52 16.58
N ASP C 219 -4.47 -27.66 16.36
CA ASP C 219 -4.13 -28.52 15.23
C ASP C 219 -4.97 -28.23 13.99
N SER C 220 -6.17 -27.70 14.16
CA SER C 220 -6.99 -27.25 13.05
C SER C 220 -7.67 -25.95 13.47
N ASP C 221 -8.51 -25.41 12.60
CA ASP C 221 -9.27 -24.21 12.96
C ASP C 221 -10.13 -24.49 14.18
N LEU C 222 -10.78 -25.66 14.20
CA LEU C 222 -11.60 -26.03 15.35
C LEU C 222 -10.77 -26.15 16.61
N ASP C 223 -9.60 -26.80 16.52
CA ASP C 223 -8.75 -26.92 17.70
C ASP C 223 -8.23 -25.57 18.15
N GLN C 224 -7.88 -24.70 17.20
CA GLN C 224 -7.40 -23.36 17.57
C GLN C 224 -8.48 -22.58 18.31
N LEU C 225 -9.70 -22.57 17.78
CA LEU C 225 -10.80 -21.88 18.45
C LEU C 225 -11.09 -22.49 19.81
N THR C 226 -11.04 -23.82 19.90
CA THR C 226 -11.30 -24.49 21.17
C THR C 226 -10.26 -24.09 22.21
N ARG C 227 -8.98 -24.04 21.82
CA ARG C 227 -7.95 -23.61 22.77
C ARG C 227 -8.17 -22.16 23.18
N ILE C 228 -8.52 -21.30 22.23
CA ILE C 228 -8.76 -19.88 22.54
C ILE C 228 -9.86 -19.77 23.60
N PHE C 229 -10.97 -20.48 23.39
CA PHE C 229 -12.11 -20.35 24.29
C PHE C 229 -11.88 -21.07 25.62
N GLU C 230 -11.12 -22.16 25.63
CA GLU C 230 -10.85 -22.84 26.88
C GLU C 230 -9.86 -22.08 27.74
N THR C 231 -9.00 -21.26 27.12
CA THR C 231 -8.06 -20.47 27.89
C THR C 231 -8.62 -19.12 28.30
N LEU C 232 -9.31 -18.43 27.39
CA LEU C 232 -9.76 -17.06 27.63
C LEU C 232 -11.26 -16.94 27.83
N GLY C 233 -12.00 -18.04 27.72
CA GLY C 233 -13.43 -18.00 27.92
C GLY C 233 -14.21 -17.92 26.63
N THR C 234 -15.32 -18.63 26.55
CA THR C 234 -16.18 -18.51 25.39
C THR C 234 -16.83 -17.13 25.41
N PRO C 235 -16.59 -16.29 24.41
CA PRO C 235 -17.08 -14.91 24.48
C PRO C 235 -18.59 -14.84 24.31
N THR C 236 -19.15 -13.74 24.81
CA THR C 236 -20.59 -13.55 24.87
C THR C 236 -21.05 -12.62 23.76
N GLU C 237 -22.36 -12.44 23.67
CA GLU C 237 -22.93 -11.41 22.80
C GLU C 237 -22.61 -10.01 23.29
N GLU C 238 -22.11 -9.87 24.52
CA GLU C 238 -21.70 -8.60 25.08
C GLU C 238 -20.24 -8.29 24.77
N GLN C 239 -19.34 -9.24 25.05
CA GLN C 239 -17.92 -9.03 24.78
C GLN C 239 -17.65 -8.87 23.28
N TRP C 240 -18.51 -9.44 22.44
CA TRP C 240 -18.32 -9.44 21.00
C TRP C 240 -19.68 -9.21 20.37
N PRO C 241 -20.08 -7.96 20.18
CA PRO C 241 -21.48 -7.65 19.85
C PRO C 241 -22.01 -8.36 18.61
N ASP C 242 -21.20 -8.51 17.57
CA ASP C 242 -21.68 -9.03 16.29
C ASP C 242 -21.01 -10.35 15.91
N MET C 243 -20.48 -11.10 16.88
CA MET C 243 -19.79 -12.35 16.56
C MET C 243 -20.67 -13.28 15.74
N CYS C 244 -21.97 -13.34 16.05
CA CYS C 244 -22.86 -14.26 15.37
C CYS C 244 -22.97 -13.98 13.88
N SER C 245 -22.59 -12.79 13.43
CA SER C 245 -22.68 -12.44 12.02
C SER C 245 -21.54 -12.98 11.18
N LEU C 246 -20.46 -13.43 11.79
CA LEU C 246 -19.31 -13.92 11.04
C LEU C 246 -19.68 -15.21 10.30
N PRO C 247 -19.33 -15.34 9.02
CA PRO C 247 -19.89 -16.44 8.21
C PRO C 247 -19.50 -17.82 8.67
N ASP C 248 -18.38 -17.97 9.38
CA ASP C 248 -17.94 -19.27 9.89
C ASP C 248 -18.09 -19.38 11.40
N TYR C 249 -19.01 -18.62 11.98
CA TYR C 249 -19.18 -18.64 13.43
C TYR C 249 -19.72 -20.00 13.88
N VAL C 250 -19.11 -20.55 14.93
CA VAL C 250 -19.54 -21.81 15.53
C VAL C 250 -19.79 -21.57 17.01
N THR C 251 -20.98 -21.98 17.48
CA THR C 251 -21.30 -21.88 18.90
C THR C 251 -20.50 -22.93 19.65
N PHE C 252 -19.70 -22.48 20.61
CA PHE C 252 -18.81 -23.37 21.35
C PHE C 252 -19.33 -23.57 22.77
N LYS C 253 -18.68 -24.48 23.49
CA LYS C 253 -19.02 -24.72 24.88
C LYS C 253 -18.57 -23.54 25.73
N SER C 254 -19.37 -23.20 26.73
CA SER C 254 -19.11 -22.03 27.57
C SER C 254 -17.99 -22.35 28.56
N PHE C 255 -16.76 -22.22 28.09
CA PHE C 255 -15.61 -22.35 28.97
C PHE C 255 -15.46 -21.08 29.78
N PRO C 256 -15.35 -21.16 31.11
CA PRO C 256 -15.15 -19.95 31.91
C PRO C 256 -13.85 -19.22 31.58
N GLY C 257 -12.80 -19.96 31.20
CA GLY C 257 -11.54 -19.33 30.84
C GLY C 257 -10.62 -19.17 32.03
N ILE C 258 -9.40 -19.66 31.90
CA ILE C 258 -8.45 -19.53 33.01
C ILE C 258 -8.14 -18.06 33.27
N PRO C 259 -8.19 -17.59 34.51
CA PRO C 259 -7.88 -16.18 34.77
C PRO C 259 -6.46 -15.84 34.32
N LEU C 260 -6.29 -14.60 33.86
CA LEU C 260 -5.03 -14.20 33.25
C LEU C 260 -3.87 -14.33 34.22
N HIS C 261 -4.07 -13.94 35.48
CA HIS C 261 -3.02 -14.07 36.48
C HIS C 261 -2.67 -15.51 36.77
N HIS C 262 -3.55 -16.45 36.41
CA HIS C 262 -3.23 -17.88 36.55
C HIS C 262 -2.49 -18.43 35.35
N ILE C 263 -2.77 -17.95 34.14
CA ILE C 263 -1.99 -18.35 32.98
C ILE C 263 -0.56 -17.83 33.10
N PHE C 264 -0.42 -16.54 33.40
CA PHE C 264 0.87 -15.88 33.53
C PHE C 264 1.05 -15.54 35.01
N SER C 265 1.62 -16.48 35.76
CA SER C 265 1.71 -16.30 37.21
C SER C 265 2.60 -15.13 37.60
N ALA C 266 3.57 -14.78 36.74
CA ALA C 266 4.54 -13.73 37.05
C ALA C 266 4.24 -12.42 36.34
N ALA C 267 3.11 -12.30 35.67
CA ALA C 267 2.77 -11.05 35.00
C ALA C 267 2.29 -10.02 36.02
N GLY C 268 2.86 -8.82 35.94
CA GLY C 268 2.36 -7.74 36.75
C GLY C 268 1.00 -7.26 36.27
N ASP C 269 0.38 -6.40 37.09
CA ASP C 269 -0.96 -5.92 36.76
C ASP C 269 -0.96 -5.12 35.47
N ASP C 270 0.04 -4.27 35.25
CA ASP C 270 0.13 -3.53 34.00
C ASP C 270 0.30 -4.47 32.81
N LEU C 271 1.15 -5.49 32.95
CA LEU C 271 1.31 -6.48 31.89
C LEU C 271 0.01 -7.22 31.66
N LEU C 272 -0.73 -7.54 32.72
CA LEU C 272 -2.01 -8.21 32.56
C LEU C 272 -3.02 -7.34 31.83
N ASP C 273 -3.02 -6.03 32.12
CA ASP C 273 -3.91 -5.13 31.39
C ASP C 273 -3.54 -5.08 29.91
N LEU C 274 -2.25 -5.04 29.61
CA LEU C 274 -1.81 -5.06 28.21
C LEU C 274 -2.26 -6.36 27.52
N ILE C 275 -2.07 -7.49 28.20
CA ILE C 275 -2.44 -8.78 27.63
C ILE C 275 -3.94 -8.83 27.38
N GLN C 276 -4.72 -8.39 28.38
CA GLN C 276 -6.18 -8.41 28.25
C GLN C 276 -6.63 -7.53 27.10
N GLY C 277 -6.03 -6.35 26.95
CA GLY C 277 -6.37 -5.50 25.82
C GLY C 277 -6.04 -6.13 24.49
N LEU C 278 -4.88 -6.80 24.40
CA LEU C 278 -4.51 -7.47 23.15
C LEU C 278 -5.37 -8.68 22.86
N PHE C 279 -6.00 -9.27 23.87
CA PHE C 279 -6.78 -10.48 23.68
C PHE C 279 -8.29 -10.25 23.80
N LEU C 280 -8.72 -9.00 23.70
CA LEU C 280 -10.16 -8.72 23.69
C LEU C 280 -10.80 -9.34 22.46
N PHE C 281 -11.87 -10.09 22.67
CA PHE C 281 -12.52 -10.79 21.57
C PHE C 281 -13.12 -9.80 20.56
N ASN C 282 -13.67 -8.69 21.04
CA ASN C 282 -14.16 -7.66 20.15
C ASN C 282 -12.99 -7.03 19.41
N PRO C 283 -12.87 -7.20 18.08
CA PRO C 283 -11.72 -6.63 17.37
C PRO C 283 -11.65 -5.11 17.46
N CYS C 284 -12.80 -4.44 17.45
CA CYS C 284 -12.81 -2.99 17.60
C CYS C 284 -12.29 -2.58 18.98
N ALA C 285 -12.76 -3.25 20.03
CA ALA C 285 -12.33 -2.90 21.38
C ALA C 285 -10.88 -3.30 21.63
N ARG C 286 -10.35 -4.28 20.91
CA ARG C 286 -8.97 -4.68 21.08
C ARG C 286 -8.05 -3.48 20.85
N ILE C 287 -7.03 -3.36 21.68
CA ILE C 287 -6.20 -2.16 21.70
C ILE C 287 -5.39 -2.05 20.43
N THR C 288 -5.30 -0.84 19.89
CA THR C 288 -4.44 -0.58 18.74
C THR C 288 -2.99 -0.52 19.18
N ALA C 289 -2.10 -0.47 18.19
CA ALA C 289 -0.69 -0.29 18.50
C ALA C 289 -0.45 1.03 19.22
N THR C 290 -1.12 2.09 18.79
CA THR C 290 -0.98 3.38 19.47
C THR C 290 -1.47 3.29 20.92
N GLN C 291 -2.67 2.75 21.12
CA GLN C 291 -3.22 2.62 22.46
C GLN C 291 -2.34 1.72 23.33
N ALA C 292 -1.84 0.63 22.76
CA ALA C 292 -0.95 -0.26 23.51
C ALA C 292 0.31 0.48 23.93
N LEU C 293 0.90 1.27 23.02
CA LEU C 293 2.09 2.03 23.35
C LEU C 293 1.85 3.05 24.45
N LYS C 294 0.61 3.50 24.62
CA LYS C 294 0.26 4.49 25.63
C LYS C 294 -0.02 3.87 27.00
N MET C 295 -0.01 2.55 27.12
CA MET C 295 -0.35 1.91 28.38
C MET C 295 0.77 2.06 29.39
N LYS C 296 0.40 1.98 30.68
CA LYS C 296 1.35 2.18 31.75
C LYS C 296 2.48 1.15 31.73
N TYR C 297 2.19 -0.06 31.21
CA TYR C 297 3.21 -1.10 31.18
C TYR C 297 4.49 -0.62 30.52
N PHE C 298 4.37 0.07 29.39
CA PHE C 298 5.55 0.52 28.69
C PHE C 298 6.21 1.70 29.40
N SER C 299 5.43 2.54 30.08
CA SER C 299 6.00 3.66 30.80
C SER C 299 6.43 3.29 32.22
N ASN C 300 5.88 2.25 32.81
CA ASN C 300 6.23 1.87 34.17
C ASN C 300 7.66 1.34 34.24
N ARG C 301 8.25 1.48 35.42
CA ARG C 301 9.51 0.82 35.72
C ARG C 301 9.31 -0.69 35.76
N PRO C 302 10.29 -1.49 35.29
CA PRO C 302 11.56 -1.11 34.67
C PRO C 302 11.41 -0.74 33.19
N GLY C 303 12.31 0.08 32.66
CA GLY C 303 12.24 0.48 31.28
C GLY C 303 12.68 -0.64 30.35
N PRO C 304 12.25 -0.58 29.09
CA PRO C 304 12.71 -1.57 28.11
C PRO C 304 14.22 -1.53 27.97
N THR C 305 14.81 -2.73 27.88
CA THR C 305 16.26 -2.81 27.82
C THR C 305 16.74 -2.27 26.47
N PRO C 306 17.89 -1.60 26.44
CA PRO C 306 18.43 -1.13 25.17
C PRO C 306 18.78 -2.28 24.24
N GLY C 307 18.66 -2.03 22.93
CA GLY C 307 18.86 -3.09 21.96
C GLY C 307 20.24 -3.72 22.02
N CYS C 308 21.25 -2.94 22.36
CA CYS C 308 22.59 -3.48 22.51
C CYS C 308 22.67 -4.50 23.65
N GLN C 309 21.71 -4.49 24.57
CA GLN C 309 21.69 -5.41 25.70
C GLN C 309 20.68 -6.55 25.54
N LEU C 310 19.92 -6.56 24.45
CA LEU C 310 18.97 -7.65 24.22
C LEU C 310 19.72 -8.97 24.03
N PRO C 311 19.13 -10.07 24.47
CA PRO C 311 19.83 -11.36 24.40
C PRO C 311 19.99 -11.86 22.97
N ARG C 312 21.06 -12.62 22.75
CA ARG C 312 21.38 -13.23 21.48
C ARG C 312 21.52 -14.74 21.63
N PRO C 313 21.00 -15.51 20.67
CA PRO C 313 21.04 -16.97 20.76
C PRO C 313 22.34 -17.56 20.22
C10 X50 D . 19.36 -15.34 9.14
C13 X50 D . 16.33 -15.44 11.49
C15 X50 D . 17.47 -17.48 11.66
C17 X50 D . 16.89 -15.50 7.27
C20 X50 D . 13.69 -16.53 5.32
C21 X50 D . 12.36 -16.21 6.06
C24 X50 D . 11.33 -14.41 7.47
C26 X50 D . 10.97 -16.79 8.08
C01 X50 D . 14.19 -9.83 5.13
C02 X50 D . 14.53 -11.34 4.91
C03 X50 D . 14.72 -11.70 3.44
C04 X50 D . 15.74 -11.78 5.75
C05 X50 D . 16.79 -10.99 6.24
C08 X50 D . 17.62 -14.29 7.45
C11 X50 D . 18.32 -15.80 10.15
C12 X50 D . 17.29 -14.98 10.53
C14 X50 D . 16.45 -16.68 12.03
C16 X50 D . 18.44 -17.02 10.70
C18 X50 D . 15.70 -15.44 6.50
C23 X50 D . 12.22 -14.75 6.26
C27 X50 D . 12.31 -16.98 7.35
C30 X50 D . 16.01 -13.12 6.20
N06 X50 D . 17.62 -11.78 6.92
N07 X50 D . 17.11 -13.11 6.90
N09 X50 D . 18.88 -14.23 8.23
N19 X50 D . 14.86 -16.67 6.25
N25 X50 D . 10.32 -15.51 7.73
N29 X50 D . 15.28 -14.28 6.00
O22 X50 D . 11.27 -16.63 5.23
O28 X50 D . 12.49 -18.34 7.09
C01 X58 E . 14.72 -11.74 3.44
C02 X58 E . 14.54 -11.35 4.91
C03 X58 E . 14.20 -9.88 5.10
C04 X58 E . 15.73 -11.79 5.75
C05 X58 E . 16.75 -10.99 6.26
C08 X58 E . 17.60 -14.22 7.46
C10 X58 E . 19.43 -15.30 8.90
C11 X58 E . 18.67 -15.81 10.12
C12 X58 E . 19.28 -16.74 10.94
C13 X58 E . 18.62 -17.24 12.06
C14 X58 E . 17.34 -16.80 12.36
C15 X58 E . 16.72 -15.88 11.55
C16 X58 E . 17.37 -15.38 10.44
C17 X58 E . 16.93 -15.43 7.25
C18 X58 E . 15.76 -15.41 6.49
C20 X58 E . 13.77 -16.50 5.42
C21 X58 E . 12.49 -16.48 6.28
C23 X58 E . 12.45 -17.72 7.09
C24 X58 E . 11.36 -17.67 8.17
C26 X58 E . 11.20 -15.21 8.04
C27 X58 E . 12.44 -15.24 7.14
C30 X58 E . 16.00 -13.12 6.20
N06 X58 E . 17.58 -11.77 6.95
N07 X58 E . 17.10 -13.09 6.90
N09 X58 E . 18.83 -14.15 8.25
N19 X58 E . 14.99 -16.63 6.23
N25 X58 E . 10.46 -16.49 7.99
N29 X58 E . 15.32 -14.27 5.98
O22 X58 E . 11.35 -16.45 5.41
O28 X58 E . 12.40 -14.10 6.29
#